data_7V8B
#
_entry.id   7V8B
#
_cell.length_a   1.00
_cell.length_b   1.00
_cell.length_c   1.00
_cell.angle_alpha   90.00
_cell.angle_beta   90.00
_cell.angle_gamma   90.00
#
_symmetry.space_group_name_H-M   'P 1'
#
loop_
_entity.id
_entity.type
_entity.pdbx_description
1 polymer 'Spike glycoprotein'
2 polymer 'Angiotensin-converting enzyme 2,Angiotensin-converting enzyme 2 (ACE2) ectodomain'
3 branched beta-D-mannopyranose-(1-4)-2-acetamido-2-deoxy-beta-D-glucopyranose-(1-4)-2-acetamido-2-deoxy-beta-D-glucopyranose
4 branched 2-acetamido-2-deoxy-beta-D-glucopyranose-(1-4)-2-acetamido-2-deoxy-beta-D-glucopyranose
5 non-polymer 2-acetamido-2-deoxy-beta-D-glucopyranose
#
loop_
_entity_poly.entity_id
_entity_poly.type
_entity_poly.pdbx_seq_one_letter_code
_entity_poly.pdbx_strand_id
1 'polypeptide(L)'
;MFVFLVLLPLVSSQCVNLRTRTQLPPAYTNSFTRGVYYPDKVFRSSVLHSTQDLFLPFFSNVTWFHAIHVSGTNGTKRFD
NPVLPFNDGVYFASTEKSNIIRGWIFGTTLDSKTQSLLIVNNATNVVIKVCEFQFCNDPFLDVYYHKNNKSWMESGVYSS
ANNCTFEYVSQPFLMDLEGKQGNFKNLREFVFKNIDGYFKIYSKHTPINLVRDLPQGFSALEPLVDLPIGINITRFQTLL
ALHRSYLTPGDSSSGWTAGAAAYYVGYLQPRTFLLKYNENGTITDAVDCALDPLSETKCTLKSFTVEKGIYQTSNFRVQP
TESIVRFPNITNLCPFGEVFNATRFASVYAWNRKRISNCVADYSVLYNSASFSTFKCYGVSPTKLNDLCFTNVYADSFVI
RGDEVRQIAPGQTGKIADYNYKLPDDFTGCVIAWNSNNLDSKVGGNYNYRYRLFRKSNLKPFERDISTEIYQAGSKPCNG
VEGFNCYFPLQSYGFQPTNGVGYQPYRVVVLSFELLHAPATVCGPKKSTNLVKNKCVNFNFNGLTGTGVLTESNKKFLPF
QQFGRDIADTTDAVRDPQTLEILDITPCSFGGVSVITPGTNTSNQVAVLYQGVNCTEVPVAIHADQLTPTWRVYSTGSNV
FQTRAGCLIGAEHVNNSYECDIPIGAGICASYQTQTNSRGSASSVASQSIIAYTMSLGAENSVAYSNNSIAIPTNFTISV
TTEILPVSMTKTSVDCTMYICGDSTECSNLLLQYGSFCTQLNRALTGIAVEQDKNTQEVFAQVKQIYKTPPIKDFGGFNF
SQILPDPSKPSKRSFIEDLLFNKVTLADAGFIKQYGDCLGDIAARDLICAQKFNGLTVLPPLLTDEMIAQYTSALLAGTI
TSGWTFGAGAALQIPFAMQMAYRFNGIGVTQNVLYENQKLIANQFNSAIGKIQDSLSSTASALGKLQNVVNQNAQALNTL
VKQLSSNFGAISSVLNDILSRLDPPEAEVQIDRLITGRLQSLQTYVTQQLIRAAEIRASANLAATKMSECVLGQSKRVDF
CGKGYHLMSFPQSAPHGVVFLHVTYVPAQEKNFTTAPAICHDGKAHFPREGVFVSNGTHWFVTQRNFYEPQIITTDNTFV
SGNCDVVIGIVNNTVYDPLQPELDSFKEELDKYFKNHTSPDVDLGDISGINASVVNIQKEIDRLNEVAKNLNESLIDLQE
LGKYEQEFGSGGYIPEAPRDGQAYVRKDGEWVLLSTFLKGQDNSADIQHSGRPLESRGPFEQKLISEEDLNMHTGHHHHH
H
;
A
2 'polypeptide(L)'
;MSSSSWLLLSLVAVTAAQSTIEEQAKTFLDKFNHEAEDLFYQSSLASWNYNTNITEENVQNMNNAGDKWSAFLKEQSTLA
QMYPLQEIQNLTVKLQLQALQQNGSSVLSEDKSKRLNTILNTMSTIYSTGKVCNPDNPQECLLLEPGLNEIMANSLDYNE
RLWAWESWRSEVGKQLRPLYEEYVVLKNEMARANHYEDYGDYWRGDYEVNGVDGYDYSRGQLIEDVEHTFEEIKPLYEHL
HAYVRAKLMNAYPSYISPIGCLPAHLLGDMWGRFWTNLYSLTVPFGQKPNIDVTDAMVDQAWDAQRIFKEAEKFFVSVGL
PNMTQGFWENSMLTDPGNVQKAVCHPTAWDLGKGDFRILMCTKVTMDDFLTAHHEMGHIQYDMAYAAQPFLLRNGANEGF
HEAVGEIMSLSAATPKHLKSIGLLSPDFQEDNETEINFLLKQALTIVGTLPFTYMLEKWRWMVFKGEIPKDQWMKKWWEM
KREIVGVVEPVPHDETYCDPASLFHVSNDYSFIRYYTRTLYQFQFQEALCQAAKHEGPLHKCDISNSTEAGQKLFNMLRL
GKSEPWTLALENVVGAKNMNVRPLLNYFEPLFTWLKDQNKNSFVGWSTDWSPYADGSGGSGSGGSKGEELFTGVVPILVE
LDGDVNGHKFSVRGEGEGDATNGKLTLKFICTTGKLPVPWPTLVTTLTYGVQCFSRYPDHMKRHDFFKSAMPEGYVQERT
ISFKDDGTYKTRAEVKFEGDTLVNRIELKGIDFKEDGNILGHKLEYNFNSHNVYITADKQKNGIKANFKIRHNVEDGSVQ
LADHYQQNTPIGDGPVLLPDNHYLSTQSVLSKDPNEKRDHMVLLEFVTAAGITHGMDELYK
;
F
#
loop_
_chem_comp.id
_chem_comp.type
_chem_comp.name
_chem_comp.formula
BMA D-saccharide, beta linking beta-D-mannopyranose 'C6 H12 O6'
NAG D-saccharide, beta linking 2-acetamido-2-deoxy-beta-D-glucopyranose 'C8 H15 N O6'
#
# COMPACT_ATOMS: atom_id res chain seq x y z
N PRO A 328 -16.35 -0.37 -66.64
CA PRO A 328 -16.42 0.10 -65.25
C PRO A 328 -15.25 1.02 -64.91
N ASN A 329 -15.55 2.14 -64.25
CA ASN A 329 -14.53 3.10 -63.87
C ASN A 329 -14.38 3.30 -62.38
N ILE A 330 -15.13 2.54 -61.56
CA ILE A 330 -15.08 2.63 -60.11
C ILE A 330 -15.44 4.03 -59.67
N THR A 331 -16.74 4.26 -59.42
CA THR A 331 -17.23 5.54 -58.95
C THR A 331 -18.22 5.29 -57.83
N ASN A 332 -18.70 6.37 -57.22
CA ASN A 332 -19.66 6.31 -56.12
C ASN A 332 -19.09 5.51 -54.94
N LEU A 333 -17.99 6.03 -54.40
CA LEU A 333 -17.34 5.39 -53.26
C LEU A 333 -18.18 5.56 -52.01
N CYS A 334 -18.23 4.50 -51.19
CA CYS A 334 -18.96 4.59 -49.94
C CYS A 334 -18.26 5.56 -48.99
N PRO A 335 -19.01 6.41 -48.29
CA PRO A 335 -18.40 7.44 -47.43
C PRO A 335 -17.99 6.94 -46.05
N PHE A 336 -16.87 6.22 -46.01
CA PHE A 336 -16.31 5.79 -44.73
C PHE A 336 -15.65 6.93 -43.98
N GLY A 337 -15.24 7.99 -44.68
CA GLY A 337 -14.61 9.11 -44.01
C GLY A 337 -15.54 9.84 -43.06
N GLU A 338 -16.83 9.90 -43.39
CA GLU A 338 -17.79 10.57 -42.53
C GLU A 338 -18.09 9.80 -41.26
N VAL A 339 -17.71 8.54 -41.18
CA VAL A 339 -17.96 7.70 -40.01
C VAL A 339 -16.75 7.63 -39.10
N PHE A 340 -15.60 7.23 -39.64
CA PHE A 340 -14.40 7.06 -38.82
C PHE A 340 -13.77 8.38 -38.42
N ASN A 341 -14.06 9.46 -39.15
CA ASN A 341 -13.45 10.76 -38.89
C ASN A 341 -14.50 11.80 -38.49
N ALA A 342 -15.57 11.34 -37.85
CA ALA A 342 -16.59 12.27 -37.37
C ALA A 342 -16.04 13.12 -36.24
N THR A 343 -16.55 14.35 -36.14
CA THR A 343 -16.05 15.27 -35.12
C THR A 343 -16.42 14.81 -33.72
N ARG A 344 -17.68 14.45 -33.50
CA ARG A 344 -18.16 14.05 -32.19
C ARG A 344 -18.90 12.72 -32.29
N PHE A 345 -18.70 11.86 -31.30
CA PHE A 345 -19.36 10.57 -31.23
C PHE A 345 -20.45 10.61 -30.17
N ALA A 346 -21.34 9.62 -30.23
CA ALA A 346 -22.46 9.56 -29.31
C ALA A 346 -22.14 8.65 -28.13
N SER A 347 -22.95 8.77 -27.08
CA SER A 347 -22.79 7.92 -25.90
C SER A 347 -23.18 6.48 -26.23
N VAL A 348 -22.72 5.56 -25.38
CA VAL A 348 -22.92 4.14 -25.66
C VAL A 348 -24.39 3.78 -25.57
N TYR A 349 -25.14 4.44 -24.68
CA TYR A 349 -26.56 4.11 -24.55
C TYR A 349 -27.40 4.73 -25.66
N ALA A 350 -26.81 5.56 -26.53
CA ALA A 350 -27.48 6.16 -27.67
C ALA A 350 -26.60 6.04 -28.92
N TRP A 351 -26.10 4.83 -29.16
CA TRP A 351 -25.15 4.61 -30.25
C TRP A 351 -25.75 4.99 -31.59
N ASN A 352 -24.90 5.53 -32.47
CA ASN A 352 -25.37 5.97 -33.78
C ASN A 352 -25.38 4.81 -34.77
N ARG A 353 -26.47 4.73 -35.55
CA ARG A 353 -26.63 3.72 -36.59
C ARG A 353 -26.70 4.42 -37.94
N LYS A 354 -25.87 3.98 -38.87
CA LYS A 354 -25.81 4.53 -40.21
C LYS A 354 -25.99 3.42 -41.23
N ARG A 355 -26.79 3.69 -42.26
CA ARG A 355 -27.11 2.72 -43.30
C ARG A 355 -26.31 3.02 -44.55
N ILE A 356 -25.61 2.01 -45.07
CA ILE A 356 -24.76 2.15 -46.24
C ILE A 356 -25.26 1.19 -47.31
N SER A 357 -25.51 1.72 -48.51
CA SER A 357 -26.00 0.91 -49.61
C SER A 357 -25.74 1.64 -50.92
N ASN A 358 -25.80 0.88 -52.01
CA ASN A 358 -25.70 1.42 -53.38
C ASN A 358 -24.39 2.18 -53.58
N CYS A 359 -23.28 1.56 -53.22
CA CYS A 359 -21.97 2.14 -53.44
C CYS A 359 -20.92 1.04 -53.39
N VAL A 360 -19.79 1.30 -54.05
CA VAL A 360 -18.66 0.38 -54.01
C VAL A 360 -17.82 0.71 -52.77
N ALA A 361 -17.49 -0.31 -52.00
CA ALA A 361 -16.76 -0.14 -50.74
C ALA A 361 -15.40 -0.79 -50.85
N ASP A 362 -14.38 -0.13 -50.31
CA ASP A 362 -13.01 -0.63 -50.30
C ASP A 362 -12.61 -0.84 -48.85
N TYR A 363 -12.59 -2.11 -48.41
CA TYR A 363 -12.17 -2.44 -47.05
C TYR A 363 -10.67 -2.59 -46.92
N SER A 364 -9.93 -2.62 -48.03
CA SER A 364 -8.48 -2.72 -47.96
C SER A 364 -7.87 -1.49 -47.32
N VAL A 365 -8.41 -0.31 -47.64
CA VAL A 365 -7.88 0.92 -47.05
C VAL A 365 -8.12 0.93 -45.54
N LEU A 366 -9.15 0.23 -45.06
CA LEU A 366 -9.39 0.16 -43.63
C LEU A 366 -8.48 -0.88 -42.98
N TYR A 367 -8.39 -2.07 -43.57
CA TYR A 367 -7.55 -3.13 -43.00
C TYR A 367 -6.08 -2.75 -43.01
N ASN A 368 -5.62 -2.11 -44.09
CA ASN A 368 -4.22 -1.72 -44.21
C ASN A 368 -3.99 -0.35 -43.57
N SER A 369 -4.26 -0.28 -42.27
CA SER A 369 -4.00 0.90 -41.48
C SER A 369 -3.52 0.48 -40.11
N ALA A 370 -2.49 1.17 -39.61
CA ALA A 370 -1.88 0.84 -38.33
C ALA A 370 -2.44 1.66 -37.18
N SER A 371 -3.47 2.46 -37.41
CA SER A 371 -4.04 3.33 -36.40
C SER A 371 -5.10 2.64 -35.55
N PHE A 372 -5.42 1.37 -35.82
CA PHE A 372 -6.48 0.67 -35.12
C PHE A 372 -5.87 -0.32 -34.13
N SER A 373 -6.25 -0.18 -32.85
CA SER A 373 -5.74 -1.07 -31.82
C SER A 373 -6.40 -2.44 -31.91
N THR A 374 -7.70 -2.48 -32.15
CA THR A 374 -8.44 -3.74 -32.22
C THR A 374 -9.21 -3.81 -33.53
N PHE A 375 -9.01 -4.88 -34.28
CA PHE A 375 -9.73 -5.12 -35.53
C PHE A 375 -10.05 -6.61 -35.59
N LYS A 376 -11.29 -6.98 -35.27
CA LYS A 376 -11.68 -8.37 -35.17
C LYS A 376 -12.86 -8.64 -36.11
N CYS A 377 -12.69 -9.59 -37.02
CA CYS A 377 -13.74 -9.98 -37.96
C CYS A 377 -14.19 -11.39 -37.65
N TYR A 378 -15.49 -11.57 -37.45
CA TYR A 378 -16.05 -12.84 -37.00
C TYR A 378 -16.67 -13.64 -38.13
N GLY A 379 -17.61 -13.04 -38.87
CA GLY A 379 -18.34 -13.78 -39.88
C GLY A 379 -17.45 -14.25 -41.02
N VAL A 380 -16.61 -13.36 -41.54
CA VAL A 380 -15.77 -13.65 -42.70
C VAL A 380 -14.37 -13.14 -42.45
N SER A 381 -13.41 -13.72 -43.18
CA SER A 381 -12.04 -13.28 -43.09
C SER A 381 -11.88 -11.92 -43.78
N PRO A 382 -11.04 -11.04 -43.24
CA PRO A 382 -10.92 -9.70 -43.84
C PRO A 382 -10.45 -9.69 -45.28
N THR A 383 -9.54 -10.59 -45.64
CA THR A 383 -8.99 -10.59 -47.00
C THR A 383 -10.03 -11.00 -48.02
N LYS A 384 -10.85 -11.99 -47.69
CA LYS A 384 -11.88 -12.49 -48.60
C LYS A 384 -13.06 -11.52 -48.72
N LEU A 385 -13.16 -10.53 -47.84
CA LEU A 385 -14.31 -9.65 -47.79
C LEU A 385 -14.48 -8.83 -49.08
N ASN A 386 -13.40 -8.63 -49.84
CA ASN A 386 -13.49 -7.78 -51.03
C ASN A 386 -14.20 -8.44 -52.21
N ASP A 387 -14.53 -9.74 -52.11
CA ASP A 387 -15.14 -10.45 -53.22
C ASP A 387 -16.66 -10.49 -53.13
N LEU A 388 -17.20 -11.06 -52.06
CA LEU A 388 -18.65 -11.22 -51.92
C LEU A 388 -19.30 -9.88 -51.58
N CYS A 389 -20.62 -9.82 -51.75
CA CYS A 389 -21.34 -8.62 -51.37
C CYS A 389 -22.81 -8.89 -51.08
N PHE A 390 -23.39 -7.93 -50.36
CA PHE A 390 -24.64 -8.04 -49.64
C PHE A 390 -25.60 -6.98 -50.18
N THR A 391 -26.75 -6.83 -49.51
CA THR A 391 -27.70 -5.82 -49.94
C THR A 391 -27.65 -4.54 -49.11
N ASN A 392 -27.16 -4.60 -47.86
CA ASN A 392 -26.92 -3.35 -47.13
C ASN A 392 -25.94 -3.60 -46.00
N VAL A 393 -25.37 -2.51 -45.49
CA VAL A 393 -24.44 -2.55 -44.38
C VAL A 393 -24.88 -1.54 -43.34
N TYR A 394 -24.65 -1.88 -42.07
CA TYR A 394 -25.00 -1.02 -40.95
C TYR A 394 -23.76 -0.74 -40.12
N ALA A 395 -23.52 0.54 -39.81
CA ALA A 395 -22.39 0.95 -39.01
C ALA A 395 -22.91 1.53 -37.70
N ASP A 396 -22.49 0.94 -36.58
CA ASP A 396 -22.89 1.39 -35.25
C ASP A 396 -21.66 1.95 -34.55
N SER A 397 -21.73 3.22 -34.15
CA SER A 397 -20.59 3.93 -33.60
C SER A 397 -20.90 4.45 -32.21
N PHE A 398 -19.92 4.36 -31.32
CA PHE A 398 -20.04 4.92 -29.97
C PHE A 398 -18.65 4.95 -29.32
N VAL A 399 -18.61 5.29 -28.03
CA VAL A 399 -17.38 5.44 -27.27
C VAL A 399 -17.54 4.74 -25.93
N ILE A 400 -16.54 3.96 -25.53
CA ILE A 400 -16.55 3.21 -24.28
C ILE A 400 -15.21 3.36 -23.59
N ARG A 401 -15.04 2.63 -22.48
CA ARG A 401 -13.78 2.60 -21.76
C ARG A 401 -12.84 1.59 -22.39
N GLY A 402 -11.57 1.67 -21.98
CA GLY A 402 -10.56 0.77 -22.53
C GLY A 402 -10.78 -0.69 -22.16
N ASP A 403 -11.12 -0.94 -20.89
CA ASP A 403 -11.27 -2.31 -20.41
C ASP A 403 -12.57 -2.96 -20.87
N GLU A 404 -13.49 -2.19 -21.45
CA GLU A 404 -14.80 -2.70 -21.81
C GLU A 404 -14.91 -3.12 -23.27
N VAL A 405 -13.81 -3.05 -24.03
CA VAL A 405 -13.87 -3.45 -25.44
C VAL A 405 -14.09 -4.95 -25.56
N ARG A 406 -13.52 -5.74 -24.64
CA ARG A 406 -13.67 -7.18 -24.70
C ARG A 406 -15.11 -7.64 -24.49
N GLN A 407 -15.96 -6.78 -23.94
CA GLN A 407 -17.36 -7.12 -23.74
C GLN A 407 -18.17 -7.05 -25.03
N ILE A 408 -17.65 -6.43 -26.08
CA ILE A 408 -18.38 -6.30 -27.34
C ILE A 408 -17.94 -7.48 -28.21
N ALA A 409 -18.73 -8.55 -28.13
CA ALA A 409 -18.49 -9.79 -28.86
C ALA A 409 -19.69 -10.71 -28.66
N PRO A 410 -19.96 -11.63 -29.59
CA PRO A 410 -21.05 -12.58 -29.37
C PRO A 410 -20.78 -13.45 -28.14
N GLY A 411 -21.85 -13.72 -27.40
CA GLY A 411 -21.74 -14.56 -26.22
C GLY A 411 -20.89 -13.96 -25.10
N GLN A 412 -21.12 -12.69 -24.79
CA GLN A 412 -20.41 -12.02 -23.73
C GLN A 412 -21.40 -11.42 -22.74
N THR A 413 -20.93 -11.19 -21.52
CA THR A 413 -21.76 -10.68 -20.44
C THR A 413 -21.06 -9.53 -19.73
N GLY A 414 -21.84 -8.66 -19.14
CA GLY A 414 -21.33 -7.49 -18.47
C GLY A 414 -22.36 -6.37 -18.48
N LYS A 415 -21.96 -5.22 -17.94
CA LYS A 415 -22.86 -4.07 -17.92
C LYS A 415 -23.18 -3.60 -19.33
N ILE A 416 -22.14 -3.43 -20.16
CA ILE A 416 -22.34 -2.95 -21.51
C ILE A 416 -23.10 -3.97 -22.34
N ALA A 417 -22.72 -5.24 -22.23
CA ALA A 417 -23.33 -6.30 -23.03
C ALA A 417 -24.77 -6.61 -22.62
N ASP A 418 -25.23 -6.10 -21.49
CA ASP A 418 -26.58 -6.37 -21.02
C ASP A 418 -27.50 -5.16 -21.12
N TYR A 419 -27.03 -3.98 -20.70
CA TYR A 419 -27.91 -2.82 -20.60
C TYR A 419 -27.70 -1.78 -21.68
N ASN A 420 -26.61 -1.86 -22.46
CA ASN A 420 -26.30 -0.83 -23.43
C ASN A 420 -26.29 -1.35 -24.86
N TYR A 421 -25.53 -2.40 -25.14
CA TYR A 421 -25.37 -2.88 -26.52
C TYR A 421 -25.16 -4.38 -26.49
N LYS A 422 -26.01 -5.13 -27.21
CA LYS A 422 -25.95 -6.58 -27.24
C LYS A 422 -25.87 -7.05 -28.68
N LEU A 423 -24.95 -7.98 -28.94
CA LEU A 423 -24.77 -8.58 -30.26
C LEU A 423 -25.26 -10.03 -30.27
N PRO A 424 -25.97 -10.45 -31.31
CA PRO A 424 -26.46 -11.82 -31.37
C PRO A 424 -25.32 -12.82 -31.54
N ASP A 425 -25.61 -14.06 -31.17
CA ASP A 425 -24.61 -15.12 -31.26
C ASP A 425 -24.22 -15.42 -32.70
N ASP A 426 -25.18 -15.31 -33.63
CA ASP A 426 -24.94 -15.56 -35.04
C ASP A 426 -24.48 -14.30 -35.77
N PHE A 427 -23.86 -13.36 -35.06
CA PHE A 427 -23.43 -12.11 -35.66
C PHE A 427 -22.40 -12.35 -36.77
N THR A 428 -22.56 -11.62 -37.87
CA THR A 428 -21.59 -11.60 -38.95
C THR A 428 -21.20 -10.15 -39.21
N GLY A 429 -19.91 -9.89 -39.33
CA GLY A 429 -19.42 -8.54 -39.51
C GLY A 429 -18.06 -8.38 -38.87
N CYS A 430 -17.73 -7.14 -38.55
CA CYS A 430 -16.42 -6.82 -37.99
C CYS A 430 -16.56 -5.73 -36.92
N VAL A 431 -15.57 -5.67 -36.05
CA VAL A 431 -15.52 -4.72 -34.95
C VAL A 431 -14.16 -4.02 -34.97
N ILE A 432 -14.19 -2.69 -34.93
CA ILE A 432 -12.97 -1.88 -34.94
C ILE A 432 -13.01 -0.96 -33.72
N ALA A 433 -11.87 -0.86 -33.02
CA ALA A 433 -11.78 -0.03 -31.84
C ALA A 433 -10.40 0.60 -31.77
N TRP A 434 -10.37 1.91 -31.56
CA TRP A 434 -9.08 2.61 -31.49
C TRP A 434 -9.09 3.64 -30.36
N ASN A 435 -7.92 3.85 -29.78
CA ASN A 435 -7.77 4.79 -28.68
C ASN A 435 -7.94 6.22 -29.16
N SER A 436 -8.58 7.04 -28.34
CA SER A 436 -8.77 8.46 -28.64
C SER A 436 -8.53 9.29 -27.39
N ASN A 437 -7.46 8.98 -26.66
CA ASN A 437 -7.18 9.68 -25.41
C ASN A 437 -6.88 11.16 -25.64
N ASN A 438 -6.15 11.47 -26.71
CA ASN A 438 -5.72 12.85 -26.94
C ASN A 438 -6.86 13.78 -27.33
N LEU A 439 -8.05 13.25 -27.61
CA LEU A 439 -9.17 14.06 -28.04
C LEU A 439 -10.27 14.16 -26.99
N ASP A 440 -10.74 13.01 -26.47
CA ASP A 440 -11.89 13.03 -25.56
C ASP A 440 -11.50 13.50 -24.17
N SER A 441 -10.32 13.12 -23.69
CA SER A 441 -9.90 13.47 -22.34
C SER A 441 -9.67 14.97 -22.22
N LYS A 442 -9.98 15.51 -21.03
CA LYS A 442 -9.80 16.91 -20.73
C LYS A 442 -9.14 17.05 -19.36
N VAL A 443 -8.41 18.15 -19.17
CA VAL A 443 -7.60 18.31 -17.97
C VAL A 443 -8.47 18.31 -16.72
N GLY A 444 -9.61 19.01 -16.76
CA GLY A 444 -10.51 19.00 -15.63
C GLY A 444 -11.44 17.81 -15.56
N GLY A 445 -11.48 17.00 -16.61
CA GLY A 445 -12.37 15.85 -16.64
C GLY A 445 -13.51 16.03 -17.62
N ASN A 446 -13.71 15.04 -18.49
CA ASN A 446 -14.78 15.07 -19.48
C ASN A 446 -15.94 14.23 -18.96
N TYR A 447 -17.10 14.87 -18.79
CA TYR A 447 -18.27 14.20 -18.20
C TYR A 447 -19.45 14.15 -19.17
N ASN A 448 -19.18 14.28 -20.47
CA ASN A 448 -20.28 14.29 -21.45
C ASN A 448 -20.82 12.88 -21.71
N TYR A 449 -19.95 11.88 -21.73
CA TYR A 449 -20.38 10.53 -22.08
C TYR A 449 -21.02 9.84 -20.88
N ARG A 450 -22.10 9.11 -21.14
CA ARG A 450 -22.89 8.46 -20.10
C ARG A 450 -23.18 7.02 -20.49
N TYR A 451 -23.67 6.26 -19.53
CA TYR A 451 -24.05 4.87 -19.77
C TYR A 451 -25.05 4.43 -18.71
N ARG A 452 -25.83 3.42 -19.06
CA ARG A 452 -26.82 2.86 -18.14
C ARG A 452 -26.14 1.98 -17.10
N LEU A 453 -26.63 2.07 -15.86
CA LEU A 453 -26.11 1.26 -14.78
C LEU A 453 -27.11 0.25 -14.23
N PHE A 454 -28.41 0.53 -14.33
CA PHE A 454 -29.44 -0.37 -13.86
C PHE A 454 -30.53 -0.52 -14.90
N ARG A 455 -31.11 -1.71 -14.97
CA ARG A 455 -32.21 -1.99 -15.88
C ARG A 455 -32.98 -3.20 -15.36
N LYS A 456 -34.28 -3.22 -15.65
CA LYS A 456 -35.14 -4.30 -15.16
C LYS A 456 -34.74 -5.64 -15.76
N SER A 457 -34.43 -5.67 -17.05
CA SER A 457 -34.15 -6.94 -17.73
C SER A 457 -33.10 -6.71 -18.81
N ASN A 458 -32.51 -7.82 -19.25
CA ASN A 458 -31.47 -7.76 -20.28
C ASN A 458 -32.05 -7.33 -21.62
N LEU A 459 -31.20 -6.72 -22.44
CA LEU A 459 -31.62 -6.20 -23.73
C LEU A 459 -31.61 -7.29 -24.79
N LYS A 460 -32.50 -7.13 -25.76
CA LYS A 460 -32.51 -7.94 -26.97
C LYS A 460 -31.47 -7.42 -27.95
N PRO A 461 -30.99 -8.26 -28.86
CA PRO A 461 -29.95 -7.81 -29.81
C PRO A 461 -30.42 -6.62 -30.63
N PHE A 462 -29.51 -5.67 -30.83
CA PHE A 462 -29.76 -4.48 -31.64
C PHE A 462 -31.00 -3.72 -31.17
N GLU A 463 -31.14 -3.58 -29.85
CA GLU A 463 -32.24 -2.84 -29.25
C GLU A 463 -31.67 -1.64 -28.50
N ARG A 464 -32.21 -0.46 -28.76
CA ARG A 464 -31.75 0.78 -28.17
C ARG A 464 -32.79 1.32 -27.20
N ASP A 465 -32.37 1.58 -25.97
CA ASP A 465 -33.25 2.11 -24.93
C ASP A 465 -32.69 3.45 -24.45
N ILE A 466 -33.50 4.50 -24.56
CA ILE A 466 -33.09 5.84 -24.17
C ILE A 466 -33.99 6.43 -23.09
N SER A 467 -34.90 5.63 -22.54
CA SER A 467 -35.79 6.13 -21.50
C SER A 467 -35.00 6.48 -20.24
N THR A 468 -35.47 7.50 -19.55
CA THR A 468 -34.82 8.00 -18.34
C THR A 468 -35.73 7.88 -17.13
N GLU A 469 -36.45 6.77 -17.03
CA GLU A 469 -37.32 6.54 -15.89
C GLU A 469 -36.47 6.24 -14.65
N ILE A 470 -36.93 6.75 -13.51
CA ILE A 470 -36.18 6.55 -12.26
C ILE A 470 -36.27 5.09 -11.84
N TYR A 471 -35.13 4.50 -11.54
CA TYR A 471 -35.07 3.08 -11.20
C TYR A 471 -35.64 2.84 -9.81
N GLN A 472 -36.11 1.61 -9.59
CA GLN A 472 -36.65 1.19 -8.30
C GLN A 472 -36.09 -0.17 -7.97
N ALA A 473 -35.51 -0.30 -6.77
CA ALA A 473 -34.91 -1.55 -6.33
C ALA A 473 -35.59 -2.17 -5.12
N GLY A 474 -36.24 -1.37 -4.28
CA GLY A 474 -36.88 -1.90 -3.09
C GLY A 474 -38.30 -2.37 -3.36
N SER A 475 -39.20 -2.09 -2.42
CA SER A 475 -40.60 -2.46 -2.57
C SER A 475 -41.54 -1.26 -2.63
N LYS A 476 -41.26 -0.21 -1.87
CA LYS A 476 -42.09 0.98 -1.93
C LYS A 476 -41.90 1.70 -3.26
N PRO A 477 -42.99 2.18 -3.87
CA PRO A 477 -42.84 2.96 -5.10
C PRO A 477 -42.55 4.41 -4.80
N CYS A 478 -41.59 4.97 -5.53
CA CYS A 478 -41.16 6.34 -5.32
C CYS A 478 -41.73 7.22 -6.43
N ASN A 479 -42.33 8.34 -6.04
CA ASN A 479 -42.95 9.29 -6.97
C ASN A 479 -41.89 10.29 -7.45
N GLY A 480 -41.08 9.84 -8.40
CA GLY A 480 -40.13 10.72 -9.03
C GLY A 480 -38.78 10.79 -8.34
N VAL A 481 -38.63 11.78 -7.45
CA VAL A 481 -37.37 12.12 -6.79
C VAL A 481 -36.70 10.89 -6.21
N GLU A 482 -35.36 10.87 -6.24
CA GLU A 482 -34.61 9.74 -5.71
C GLU A 482 -34.86 9.57 -4.22
N GLY A 483 -35.09 8.33 -3.81
CA GLY A 483 -35.32 8.00 -2.41
C GLY A 483 -34.29 7.02 -1.92
N PHE A 484 -34.70 6.15 -0.99
CA PHE A 484 -33.82 5.14 -0.44
C PHE A 484 -33.36 4.17 -1.53
N ASN A 485 -34.28 3.36 -2.04
CA ASN A 485 -33.99 2.46 -3.16
C ASN A 485 -34.56 2.99 -4.46
N CYS A 486 -34.07 4.17 -4.88
CA CYS A 486 -34.47 4.75 -6.16
C CYS A 486 -33.29 5.54 -6.69
N TYR A 487 -32.64 5.01 -7.73
CA TYR A 487 -31.41 5.57 -8.25
C TYR A 487 -31.61 6.00 -9.69
N PHE A 488 -30.87 7.03 -10.10
CA PHE A 488 -30.89 7.45 -11.50
C PHE A 488 -30.19 6.38 -12.35
N PRO A 489 -30.82 5.93 -13.44
CA PRO A 489 -30.23 4.80 -14.19
C PRO A 489 -28.99 5.16 -14.99
N LEU A 490 -28.71 6.44 -15.24
CA LEU A 490 -27.61 6.85 -16.09
C LEU A 490 -26.49 7.46 -15.26
N GLN A 491 -25.25 7.07 -15.56
CA GLN A 491 -24.08 7.58 -14.89
C GLN A 491 -23.05 8.00 -15.92
N SER A 492 -22.29 9.05 -15.59
CA SER A 492 -21.35 9.65 -16.53
C SER A 492 -19.96 9.05 -16.39
N TYR A 493 -19.10 9.35 -17.36
CA TYR A 493 -17.73 8.89 -17.38
C TYR A 493 -16.80 9.99 -16.91
N GLY A 494 -15.65 9.59 -16.36
CA GLY A 494 -14.71 10.53 -15.76
C GLY A 494 -13.35 10.59 -16.40
N PHE A 495 -13.31 10.64 -17.73
CA PHE A 495 -12.03 10.58 -18.45
C PHE A 495 -11.11 11.72 -18.03
N GLN A 496 -9.85 11.38 -17.81
CA GLN A 496 -8.78 12.30 -17.43
C GLN A 496 -7.58 12.05 -18.32
N PRO A 497 -6.71 13.05 -18.49
CA PRO A 497 -5.53 12.85 -19.34
C PRO A 497 -4.60 11.75 -18.85
N THR A 498 -4.49 11.56 -17.54
CA THR A 498 -3.61 10.56 -16.95
C THR A 498 -4.46 9.51 -16.26
N ASN A 499 -4.74 8.42 -16.98
CA ASN A 499 -5.57 7.36 -16.42
C ASN A 499 -5.06 5.96 -16.71
N GLY A 500 -3.97 5.80 -17.46
CA GLY A 500 -3.53 4.48 -17.84
C GLY A 500 -4.43 3.84 -18.87
N VAL A 501 -3.89 2.91 -19.67
CA VAL A 501 -4.64 2.34 -20.78
C VAL A 501 -5.90 1.62 -20.32
N GLY A 502 -6.00 1.28 -19.03
CA GLY A 502 -7.19 0.63 -18.54
C GLY A 502 -8.43 1.51 -18.59
N TYR A 503 -8.25 2.83 -18.38
CA TYR A 503 -9.37 3.75 -18.29
C TYR A 503 -9.40 4.79 -19.39
N GLN A 504 -8.56 4.66 -20.41
CA GLN A 504 -8.59 5.62 -21.50
C GLN A 504 -9.83 5.40 -22.37
N PRO A 505 -10.41 6.48 -22.90
CA PRO A 505 -11.55 6.32 -23.80
C PRO A 505 -11.14 5.64 -25.10
N TYR A 506 -12.07 4.86 -25.65
CA TYR A 506 -11.85 4.15 -26.90
C TYR A 506 -13.07 4.32 -27.78
N ARG A 507 -12.85 4.65 -29.05
CA ARG A 507 -13.94 4.81 -30.01
C ARG A 507 -14.12 3.49 -30.76
N VAL A 508 -15.38 3.06 -30.87
CA VAL A 508 -15.72 1.74 -31.38
C VAL A 508 -16.72 1.89 -32.52
N VAL A 509 -16.46 1.20 -33.62
CA VAL A 509 -17.35 1.13 -34.78
C VAL A 509 -17.55 -0.34 -35.13
N VAL A 510 -18.81 -0.76 -35.25
CA VAL A 510 -19.17 -2.13 -35.57
C VAL A 510 -19.89 -2.13 -36.91
N LEU A 511 -19.38 -2.95 -37.83
CA LEU A 511 -19.96 -3.07 -39.17
C LEU A 511 -20.68 -4.41 -39.28
N SER A 512 -21.94 -4.37 -39.69
CA SER A 512 -22.77 -5.56 -39.85
C SER A 512 -23.29 -5.61 -41.28
N PHE A 513 -23.22 -6.79 -41.88
CA PHE A 513 -23.63 -7.00 -43.27
C PHE A 513 -24.96 -7.72 -43.28
N GLU A 514 -25.94 -7.18 -44.01
CA GLU A 514 -27.27 -7.76 -44.06
C GLU A 514 -27.64 -8.03 -45.52
N LEU A 515 -28.25 -9.18 -45.75
CA LEU A 515 -28.35 -9.81 -47.07
C LEU A 515 -29.80 -10.22 -47.35
N LEU A 516 -30.71 -9.27 -47.25
CA LEU A 516 -32.12 -9.53 -47.56
C LEU A 516 -32.32 -9.94 -49.02
N HIS A 517 -33.57 -10.23 -49.39
CA HIS A 517 -33.85 -10.77 -50.72
C HIS A 517 -33.52 -9.81 -51.85
N ALA A 518 -33.36 -8.52 -51.55
CA ALA A 518 -33.07 -7.55 -52.59
C ALA A 518 -31.71 -7.83 -53.23
N PRO A 519 -31.53 -7.48 -54.50
CA PRO A 519 -30.25 -7.74 -55.16
C PRO A 519 -29.09 -7.03 -54.50
N ALA A 520 -27.94 -7.69 -54.51
CA ALA A 520 -26.75 -7.15 -53.85
C ALA A 520 -26.25 -5.91 -54.56
N THR A 521 -25.76 -4.93 -53.78
CA THR A 521 -25.31 -3.66 -54.33
C THR A 521 -24.00 -3.13 -53.79
N VAL A 522 -23.44 -3.68 -52.73
CA VAL A 522 -22.33 -3.04 -52.00
C VAL A 522 -21.16 -4.00 -51.98
N CYS A 523 -20.27 -3.91 -52.97
CA CYS A 523 -19.04 -4.70 -52.96
C CYS A 523 -17.97 -4.08 -53.85
N GLY A 524 -16.75 -4.58 -53.67
CA GLY A 524 -15.55 -3.85 -53.97
C GLY A 524 -15.28 -3.72 -55.45
N PRO A 525 -14.18 -3.05 -55.76
CA PRO A 525 -13.89 -2.69 -57.15
C PRO A 525 -13.58 -3.91 -57.99
N LYS A 526 -13.96 -3.81 -59.27
CA LYS A 526 -13.56 -4.80 -60.27
C LYS A 526 -12.13 -4.49 -60.69
N LYS A 527 -11.17 -5.16 -60.06
CA LYS A 527 -9.77 -4.90 -60.36
C LYS A 527 -9.44 -5.30 -61.79
N SER A 528 -8.63 -4.49 -62.45
CA SER A 528 -8.26 -4.74 -63.84
C SER A 528 -6.90 -4.15 -64.18
N SER B 19 -37.45 -10.36 -4.00
CA SER B 19 -36.05 -9.95 -3.91
C SER B 19 -35.70 -9.52 -2.50
N THR B 20 -34.78 -10.27 -1.86
CA THR B 20 -34.40 -10.00 -0.50
C THR B 20 -33.45 -8.81 -0.43
N ILE B 21 -33.00 -8.50 0.79
CA ILE B 21 -32.08 -7.38 0.99
C ILE B 21 -30.70 -7.65 0.40
N GLU B 22 -30.40 -8.91 0.09
CA GLU B 22 -29.09 -9.23 -0.48
C GLU B 22 -28.89 -8.59 -1.84
N GLU B 23 -29.95 -8.53 -2.66
CA GLU B 23 -29.85 -7.84 -3.94
C GLU B 23 -29.76 -6.33 -3.76
N GLN B 24 -30.49 -5.79 -2.77
CA GLN B 24 -30.43 -4.36 -2.50
C GLN B 24 -29.03 -3.94 -2.08
N ALA B 25 -28.36 -4.77 -1.28
CA ALA B 25 -26.99 -4.46 -0.89
C ALA B 25 -26.07 -4.42 -2.10
N LYS B 26 -26.23 -5.37 -3.02
CA LYS B 26 -25.40 -5.37 -4.24
C LYS B 26 -25.64 -4.11 -5.06
N THR B 27 -26.91 -3.72 -5.24
CA THR B 27 -27.21 -2.51 -6.00
C THR B 27 -26.62 -1.28 -5.32
N PHE B 28 -26.74 -1.19 -4.00
CA PHE B 28 -26.20 -0.04 -3.28
C PHE B 28 -24.68 0.03 -3.42
N LEU B 29 -23.99 -1.11 -3.30
CA LEU B 29 -22.54 -1.11 -3.45
C LEU B 29 -22.12 -0.72 -4.87
N ASP B 30 -22.84 -1.22 -5.87
CA ASP B 30 -22.54 -0.88 -7.26
C ASP B 30 -22.73 0.61 -7.50
N LYS B 31 -23.77 1.20 -6.90
CA LYS B 31 -23.94 2.65 -7.02
C LYS B 31 -22.84 3.39 -6.27
N PHE B 32 -22.41 2.87 -5.13
CA PHE B 32 -21.49 3.61 -4.27
C PHE B 32 -20.08 3.67 -4.85
N ASN B 33 -19.52 2.51 -5.20
CA ASN B 33 -18.10 2.49 -5.55
C ASN B 33 -17.81 3.27 -6.83
N HIS B 34 -18.74 3.24 -7.79
CA HIS B 34 -18.53 3.94 -9.06
C HIS B 34 -18.34 5.44 -8.84
N GLU B 35 -19.18 6.04 -8.00
CA GLU B 35 -19.05 7.47 -7.74
C GLU B 35 -18.00 7.77 -6.67
N ALA B 36 -17.58 6.77 -5.90
CA ALA B 36 -16.50 7.01 -4.94
C ALA B 36 -15.14 7.05 -5.62
N GLU B 37 -14.97 6.29 -6.70
CA GLU B 37 -13.67 6.20 -7.36
C GLU B 37 -13.19 7.57 -7.85
N ASP B 38 -14.07 8.31 -8.53
CA ASP B 38 -13.68 9.59 -9.11
C ASP B 38 -13.31 10.60 -8.02
N LEU B 39 -14.10 10.67 -6.95
CA LEU B 39 -13.80 11.61 -5.88
C LEU B 39 -12.49 11.27 -5.18
N PHE B 40 -12.24 9.98 -4.95
CA PHE B 40 -10.97 9.59 -4.35
C PHE B 40 -9.81 9.94 -5.27
N TYR B 41 -9.99 9.75 -6.58
CA TYR B 41 -8.93 10.11 -7.53
C TYR B 41 -8.65 11.61 -7.49
N GLN B 42 -9.70 12.43 -7.42
CA GLN B 42 -9.51 13.87 -7.35
C GLN B 42 -8.76 14.28 -6.08
N SER B 43 -9.13 13.67 -4.94
CA SER B 43 -8.45 14.00 -3.70
C SER B 43 -6.97 13.60 -3.76
N SER B 44 -6.69 12.42 -4.29
CA SER B 44 -5.29 11.99 -4.41
C SER B 44 -4.51 12.90 -5.34
N LEU B 45 -5.14 13.33 -6.44
CA LEU B 45 -4.47 14.24 -7.37
C LEU B 45 -4.13 15.56 -6.69
N ALA B 46 -5.07 16.11 -5.91
CA ALA B 46 -4.80 17.34 -5.19
C ALA B 46 -3.66 17.16 -4.19
N SER B 47 -3.65 16.03 -3.47
CA SER B 47 -2.58 15.79 -2.50
C SER B 47 -1.23 15.70 -3.20
N TRP B 48 -1.17 14.98 -4.33
CA TRP B 48 0.09 14.89 -5.06
C TRP B 48 0.53 16.25 -5.57
N ASN B 49 -0.41 17.06 -6.07
CA ASN B 49 -0.06 18.38 -6.57
C ASN B 49 0.53 19.25 -5.46
N TYR B 50 -0.03 19.18 -4.25
CA TYR B 50 0.55 19.94 -3.16
C TYR B 50 1.93 19.42 -2.80
N ASN B 51 2.06 18.09 -2.65
CA ASN B 51 3.31 17.52 -2.16
C ASN B 51 4.46 17.78 -3.14
N THR B 52 4.21 17.66 -4.44
CA THR B 52 5.27 17.91 -5.41
C THR B 52 5.63 19.40 -5.49
N ASN B 53 4.66 20.27 -5.23
CA ASN B 53 4.83 21.73 -5.40
C ASN B 53 4.30 22.42 -4.15
N ILE B 54 5.18 22.67 -3.19
CA ILE B 54 4.78 23.28 -1.92
C ILE B 54 4.56 24.77 -2.15
N THR B 55 3.31 25.21 -2.02
CA THR B 55 2.99 26.63 -2.10
C THR B 55 1.64 26.84 -1.43
N GLU B 56 1.39 28.10 -1.03
CA GLU B 56 0.12 28.41 -0.40
C GLU B 56 -1.03 28.20 -1.35
N GLU B 57 -0.85 28.56 -2.63
CA GLU B 57 -1.91 28.41 -3.62
C GLU B 57 -2.38 26.97 -3.72
N ASN B 58 -1.52 26.00 -3.44
CA ASN B 58 -1.85 24.59 -3.52
C ASN B 58 -2.15 23.98 -2.15
N VAL B 59 -2.40 24.80 -1.13
CA VAL B 59 -2.73 24.28 0.18
C VAL B 59 -4.25 24.12 0.29
N GLN B 60 -4.97 25.24 0.16
CA GLN B 60 -6.42 25.22 0.33
C GLN B 60 -7.08 24.20 -0.57
N ASN B 61 -6.57 24.05 -1.80
CA ASN B 61 -7.12 23.07 -2.72
C ASN B 61 -7.21 21.69 -2.07
N MET B 62 -6.11 21.26 -1.44
CA MET B 62 -6.14 19.98 -0.72
C MET B 62 -7.32 19.93 0.24
N ASN B 63 -7.43 20.94 1.09
CA ASN B 63 -8.56 20.97 2.02
C ASN B 63 -9.87 20.96 1.26
N ASN B 64 -9.98 21.78 0.21
CA ASN B 64 -11.21 21.87 -0.55
C ASN B 64 -11.59 20.52 -1.17
N ALA B 65 -10.62 19.63 -1.34
CA ALA B 65 -10.95 18.26 -1.73
C ALA B 65 -11.13 17.38 -0.51
N GLY B 66 -10.20 17.44 0.43
CA GLY B 66 -10.12 16.50 1.53
C GLY B 66 -11.42 16.32 2.27
N ASP B 67 -11.87 17.38 2.95
CA ASP B 67 -13.12 17.31 3.69
C ASP B 67 -14.26 16.86 2.79
N LYS B 68 -14.26 17.32 1.53
CA LYS B 68 -15.34 16.94 0.62
C LYS B 68 -15.40 15.43 0.45
N TRP B 69 -14.23 14.79 0.30
CA TRP B 69 -14.21 13.34 0.26
C TRP B 69 -14.82 12.76 1.53
N SER B 70 -14.40 13.27 2.69
CA SER B 70 -15.03 12.86 3.94
C SER B 70 -16.50 13.24 3.94
N ALA B 71 -16.84 14.42 3.39
CA ALA B 71 -18.23 14.84 3.32
C ALA B 71 -19.06 13.89 2.47
N PHE B 72 -18.43 13.07 1.63
CA PHE B 72 -19.15 12.05 0.91
C PHE B 72 -19.14 10.71 1.62
N LEU B 73 -18.08 10.44 2.39
CA LEU B 73 -17.96 9.15 3.06
C LEU B 73 -18.90 9.01 4.25
N LYS B 74 -19.31 10.12 4.87
CA LYS B 74 -20.18 10.04 6.03
C LYS B 74 -21.57 9.58 5.65
N GLU B 75 -22.16 10.19 4.61
CA GLU B 75 -23.53 9.86 4.23
C GLU B 75 -23.65 8.41 3.82
N GLN B 76 -22.72 7.91 3.02
CA GLN B 76 -22.74 6.49 2.65
C GLN B 76 -22.56 5.62 3.88
N SER B 77 -21.83 6.10 4.89
CA SER B 77 -21.75 5.38 6.15
C SER B 77 -23.08 5.44 6.89
N THR B 78 -23.78 6.57 6.79
CA THR B 78 -25.09 6.69 7.42
C THR B 78 -26.11 5.80 6.70
N LEU B 79 -26.00 5.68 5.38
CA LEU B 79 -26.95 4.88 4.63
C LEU B 79 -26.70 3.38 4.77
N ALA B 80 -25.53 2.98 5.24
CA ALA B 80 -25.24 1.56 5.43
C ALA B 80 -25.61 1.10 6.84
N GLN B 81 -26.82 1.43 7.27
CA GLN B 81 -27.38 0.92 8.51
C GLN B 81 -28.76 0.31 8.36
N MET B 82 -29.55 0.71 7.36
CA MET B 82 -30.84 0.08 7.12
C MET B 82 -30.70 -1.33 6.56
N TYR B 83 -29.51 -1.76 6.19
CA TYR B 83 -29.28 -3.15 5.79
C TYR B 83 -28.81 -3.94 7.00
N PRO B 84 -29.62 -4.86 7.51
CA PRO B 84 -29.27 -5.58 8.73
C PRO B 84 -28.18 -6.63 8.50
N LEU B 85 -26.92 -6.26 8.64
CA LEU B 85 -25.84 -7.16 8.28
C LEU B 85 -25.76 -8.33 9.25
N GLN B 86 -26.82 -9.14 9.27
CA GLN B 86 -26.81 -10.45 9.89
C GLN B 86 -27.56 -11.48 9.05
N GLU B 87 -28.17 -11.06 7.94
CA GLU B 87 -28.89 -11.96 7.05
C GLU B 87 -28.21 -12.11 5.69
N ILE B 88 -27.24 -11.26 5.38
CA ILE B 88 -26.51 -11.38 4.12
C ILE B 88 -25.64 -12.64 4.16
N GLN B 89 -25.81 -13.49 3.17
CA GLN B 89 -25.13 -14.80 3.16
C GLN B 89 -23.84 -14.79 2.36
N ASN B 90 -23.72 -13.96 1.33
CA ASN B 90 -22.49 -13.90 0.56
C ASN B 90 -21.37 -13.34 1.43
N LEU B 91 -20.26 -14.07 1.50
CA LEU B 91 -19.14 -13.64 2.33
C LEU B 91 -18.50 -12.37 1.80
N THR B 92 -18.33 -12.28 0.47
CA THR B 92 -17.70 -11.10 -0.11
C THR B 92 -18.53 -9.85 0.15
N VAL B 93 -19.84 -9.95 -0.07
CA VAL B 93 -20.71 -8.79 0.12
C VAL B 93 -20.73 -8.37 1.58
N LYS B 94 -20.82 -9.33 2.50
CA LYS B 94 -20.83 -9.00 3.91
C LYS B 94 -19.52 -8.36 4.34
N LEU B 95 -18.40 -8.89 3.86
CA LEU B 95 -17.10 -8.32 4.21
C LEU B 95 -16.96 -6.91 3.66
N GLN B 96 -17.45 -6.68 2.44
CA GLN B 96 -17.38 -5.35 1.84
C GLN B 96 -18.27 -4.37 2.60
N LEU B 97 -19.44 -4.81 3.04
CA LEU B 97 -20.36 -3.94 3.76
C LEU B 97 -19.90 -3.67 5.19
N GLN B 98 -19.12 -4.59 5.78
CA GLN B 98 -18.67 -4.40 7.16
C GLN B 98 -17.79 -3.17 7.29
N ALA B 99 -16.98 -2.85 6.27
CA ALA B 99 -16.11 -1.69 6.34
C ALA B 99 -16.91 -0.40 6.43
N LEU B 100 -18.02 -0.31 5.69
CA LEU B 100 -18.81 0.91 5.68
C LEU B 100 -19.52 1.14 7.01
N GLN B 101 -19.93 0.07 7.69
CA GLN B 101 -20.69 0.21 8.93
C GLN B 101 -19.78 0.48 10.11
N GLN B 102 -18.97 1.52 10.02
CA GLN B 102 -18.07 1.94 11.11
C GLN B 102 -18.52 3.32 11.58
N ASN B 103 -19.13 3.36 12.77
CA ASN B 103 -19.60 4.64 13.30
C ASN B 103 -18.45 5.58 13.61
N GLY B 104 -17.27 5.03 13.94
CA GLY B 104 -16.12 5.88 14.22
C GLY B 104 -16.35 6.75 15.44
N SER B 105 -15.90 8.00 15.33
CA SER B 105 -16.06 8.96 16.42
C SER B 105 -17.42 9.64 16.42
N SER B 106 -18.26 9.39 15.41
CA SER B 106 -19.58 9.99 15.37
C SER B 106 -20.48 9.50 16.51
N VAL B 107 -20.20 8.32 17.07
CA VAL B 107 -21.00 7.80 18.17
C VAL B 107 -20.88 8.67 19.42
N LEU B 108 -19.76 9.36 19.60
CA LEU B 108 -19.61 10.24 20.74
C LEU B 108 -20.44 11.50 20.56
N SER B 109 -20.74 12.15 21.68
CA SER B 109 -21.43 13.43 21.63
C SER B 109 -20.55 14.49 20.98
N GLU B 110 -21.20 15.47 20.34
CA GLU B 110 -20.47 16.49 19.61
C GLU B 110 -19.55 17.30 20.53
N ASP B 111 -20.06 17.70 21.70
CA ASP B 111 -19.28 18.50 22.62
C ASP B 111 -18.07 17.75 23.16
N LYS B 112 -18.09 16.42 23.13
CA LYS B 112 -16.92 15.64 23.49
C LYS B 112 -16.03 15.34 22.30
N SER B 113 -16.61 15.18 21.11
CA SER B 113 -15.81 14.95 19.92
C SER B 113 -14.94 16.15 19.60
N LYS B 114 -15.49 17.36 19.74
CA LYS B 114 -14.69 18.56 19.50
C LYS B 114 -13.53 18.65 20.49
N ARG B 115 -13.80 18.32 21.77
CA ARG B 115 -12.74 18.35 22.76
C ARG B 115 -11.66 17.31 22.46
N LEU B 116 -12.07 16.13 22.00
CA LEU B 116 -11.09 15.10 21.63
C LEU B 116 -10.23 15.56 20.47
N ASN B 117 -10.84 16.17 19.45
CA ASN B 117 -10.07 16.68 18.33
C ASN B 117 -9.09 17.76 18.80
N THR B 118 -9.55 18.65 19.68
CA THR B 118 -8.69 19.72 20.18
C THR B 118 -7.51 19.14 20.98
N ILE B 119 -7.77 18.13 21.80
CA ILE B 119 -6.69 17.59 22.63
C ILE B 119 -5.67 16.86 21.76
N LEU B 120 -6.13 16.13 20.73
CA LEU B 120 -5.19 15.53 19.79
C LEU B 120 -4.36 16.58 19.07
N ASN B 121 -5.00 17.67 18.63
CA ASN B 121 -4.27 18.71 17.92
C ASN B 121 -3.21 19.35 18.82
N THR B 122 -3.59 19.67 20.06
CA THR B 122 -2.63 20.33 20.95
C THR B 122 -1.51 19.38 21.36
N MET B 123 -1.82 18.09 21.53
CA MET B 123 -0.77 17.12 21.82
C MET B 123 0.22 17.01 20.67
N SER B 124 -0.30 16.95 19.43
CA SER B 124 0.59 16.88 18.27
C SER B 124 1.45 18.12 18.17
N THR B 125 0.87 19.31 18.38
CA THR B 125 1.65 20.54 18.30
C THR B 125 2.70 20.60 19.39
N ILE B 126 2.36 20.18 20.61
CA ILE B 126 3.32 20.19 21.71
C ILE B 126 4.49 19.26 21.39
N TYR B 127 4.21 18.07 20.88
CA TYR B 127 5.29 17.15 20.53
C TYR B 127 6.14 17.72 19.40
N SER B 128 5.51 18.33 18.40
CA SER B 128 6.23 18.84 17.25
C SER B 128 6.95 20.16 17.52
N THR B 129 6.71 20.79 18.66
CA THR B 129 7.33 22.07 18.99
C THR B 129 8.18 21.96 20.26
N GLY B 130 8.98 20.89 20.35
CA GLY B 130 9.87 20.74 21.49
C GLY B 130 11.12 21.58 21.35
N LYS B 131 11.60 22.10 22.47
CA LYS B 131 12.78 22.96 22.48
C LYS B 131 13.51 22.80 23.80
N VAL B 132 14.84 22.73 23.74
CA VAL B 132 15.69 22.64 24.92
C VAL B 132 16.85 23.61 24.77
N CYS B 133 17.01 24.49 25.77
CA CYS B 133 18.14 25.40 25.83
C CYS B 133 19.12 24.93 26.90
N ASN B 134 20.40 24.91 26.55
CA ASN B 134 21.44 24.66 27.54
C ASN B 134 21.42 25.79 28.56
N PRO B 135 21.42 25.49 29.87
CA PRO B 135 21.30 26.57 30.86
C PRO B 135 22.36 27.65 30.74
N ASP B 136 23.56 27.34 30.25
CA ASP B 136 24.56 28.38 30.07
C ASP B 136 24.16 29.35 28.97
N ASN B 137 23.41 28.89 27.97
CA ASN B 137 22.99 29.71 26.83
C ASN B 137 21.48 29.60 26.70
N PRO B 138 20.72 30.33 27.52
CA PRO B 138 19.25 30.18 27.53
C PRO B 138 18.54 30.81 26.33
N GLN B 139 19.26 31.44 25.41
CA GLN B 139 18.64 32.11 24.27
C GLN B 139 18.73 31.31 22.98
N GLU B 140 19.13 30.05 23.05
CA GLU B 140 19.26 29.20 21.85
C GLU B 140 18.82 27.78 22.20
N CYS B 141 17.55 27.48 21.95
CA CYS B 141 17.03 26.13 22.14
C CYS B 141 17.15 25.33 20.84
N LEU B 142 17.32 24.02 20.99
CA LEU B 142 17.37 23.09 19.87
C LEU B 142 16.09 22.27 19.84
N LEU B 143 15.75 21.80 18.64
CA LEU B 143 14.54 21.04 18.40
C LEU B 143 14.89 19.58 18.14
N LEU B 144 13.85 18.76 17.95
CA LEU B 144 14.05 17.35 17.64
C LEU B 144 14.64 17.13 16.26
N GLU B 145 14.68 18.17 15.43
CA GLU B 145 15.33 18.18 14.13
C GLU B 145 16.84 17.95 14.34
N PRO B 146 17.64 17.78 13.27
CA PRO B 146 19.07 17.56 13.46
C PRO B 146 19.68 18.61 14.39
N GLY B 147 20.55 18.14 15.29
CA GLY B 147 20.86 18.90 16.49
C GLY B 147 20.79 18.00 17.71
N LEU B 148 19.81 18.24 18.58
CA LEU B 148 19.63 17.42 19.77
C LEU B 148 19.59 15.94 19.43
N ASN B 149 18.86 15.57 18.38
CA ASN B 149 18.86 14.19 17.93
C ASN B 149 20.25 13.75 17.46
N GLU B 150 20.94 14.63 16.73
CA GLU B 150 22.31 14.35 16.34
C GLU B 150 23.23 14.22 17.54
N ILE B 151 23.03 15.06 18.56
CA ILE B 151 23.82 14.96 19.78
C ILE B 151 23.60 13.62 20.46
N MET B 152 22.34 13.18 20.54
CA MET B 152 22.06 11.91 21.20
C MET B 152 22.56 10.72 20.39
N ALA B 153 22.53 10.82 19.07
CA ALA B 153 22.87 9.68 18.23
C ALA B 153 24.37 9.53 18.03
N ASN B 154 25.05 10.62 17.66
CA ASN B 154 26.48 10.58 17.33
C ASN B 154 27.24 11.47 18.30
N SER B 155 27.64 10.91 19.43
CA SER B 155 28.46 11.60 20.42
C SER B 155 29.03 10.58 21.38
N LEU B 156 30.14 10.94 22.03
CA LEU B 156 30.79 10.08 23.01
C LEU B 156 31.03 10.91 24.27
N ASP B 157 30.01 10.99 25.12
CA ASP B 157 30.13 11.68 26.41
C ASP B 157 28.97 11.30 27.32
N TYR B 158 29.28 10.81 28.51
CA TYR B 158 28.26 10.39 29.46
C TYR B 158 27.43 11.57 29.96
N ASN B 159 28.09 12.66 30.37
CA ASN B 159 27.41 13.77 31.02
C ASN B 159 26.42 14.45 30.08
N GLU B 160 26.85 14.76 28.85
CA GLU B 160 25.96 15.46 27.94
C GLU B 160 24.83 14.57 27.46
N ARG B 161 25.08 13.27 27.30
CA ARG B 161 24.00 12.35 26.95
C ARG B 161 22.95 12.31 28.05
N LEU B 162 23.39 12.20 29.30
CA LEU B 162 22.44 12.22 30.41
C LEU B 162 21.69 13.53 30.48
N TRP B 163 22.38 14.65 30.25
CA TRP B 163 21.73 15.95 30.28
C TRP B 163 20.65 16.05 29.21
N ALA B 164 20.97 15.64 27.99
CA ALA B 164 19.99 15.72 26.91
C ALA B 164 18.79 14.82 27.18
N TRP B 165 19.04 13.59 27.63
CA TRP B 165 17.96 12.66 27.94
C TRP B 165 17.03 13.25 29.01
N GLU B 166 17.61 13.69 30.12
CA GLU B 166 16.79 14.21 31.22
C GLU B 166 16.06 15.47 30.82
N SER B 167 16.72 16.37 30.08
CA SER B 167 16.08 17.61 29.67
C SER B 167 14.89 17.34 28.77
N TRP B 168 15.07 16.46 27.77
CA TRP B 168 13.96 16.19 26.86
C TRP B 168 12.81 15.50 27.58
N ARG B 169 13.11 14.57 28.48
CA ARG B 169 12.03 13.91 29.21
C ARG B 169 11.47 14.78 30.33
N SER B 170 12.09 15.92 30.63
CA SER B 170 11.62 16.80 31.69
C SER B 170 10.91 18.04 31.18
N GLU B 171 11.05 18.41 29.92
CA GLU B 171 10.31 19.56 29.40
C GLU B 171 9.27 19.18 28.35
N VAL B 172 9.18 17.91 27.97
CA VAL B 172 8.10 17.45 27.10
C VAL B 172 7.25 16.43 27.84
N GLY B 173 7.88 15.68 28.75
CA GLY B 173 7.21 14.61 29.46
C GLY B 173 6.47 15.01 30.70
N LYS B 174 6.37 16.31 31.00
CA LYS B 174 5.73 16.78 32.22
C LYS B 174 4.31 17.29 32.00
N GLN B 175 4.08 18.07 30.94
CA GLN B 175 2.75 18.60 30.69
C GLN B 175 1.82 17.61 30.00
N LEU B 176 2.35 16.51 29.46
CA LEU B 176 1.53 15.56 28.73
C LEU B 176 0.75 14.63 29.63
N ARG B 177 1.04 14.60 30.92
CA ARG B 177 0.35 13.67 31.82
C ARG B 177 -1.15 13.91 31.91
N PRO B 178 -1.65 15.13 32.18
CA PRO B 178 -3.11 15.29 32.23
C PRO B 178 -3.78 15.13 30.87
N LEU B 179 -3.12 15.58 29.81
CA LEU B 179 -3.67 15.41 28.47
C LEU B 179 -3.86 13.93 28.15
N TYR B 180 -2.84 13.13 28.43
CA TYR B 180 -2.94 11.68 28.20
C TYR B 180 -3.97 11.05 29.13
N GLU B 181 -4.06 11.53 30.37
CA GLU B 181 -5.04 10.99 31.31
C GLU B 181 -6.47 11.18 30.80
N GLU B 182 -6.77 12.37 30.27
CA GLU B 182 -8.10 12.61 29.71
C GLU B 182 -8.28 11.87 28.40
N TYR B 183 -7.22 11.79 27.59
CA TYR B 183 -7.28 11.09 26.30
C TYR B 183 -7.65 9.62 26.49
N VAL B 184 -7.04 8.97 27.48
CA VAL B 184 -7.29 7.55 27.70
C VAL B 184 -8.76 7.31 28.03
N VAL B 185 -9.31 8.08 28.96
CA VAL B 185 -10.68 7.84 29.39
C VAL B 185 -11.67 8.20 28.29
N LEU B 186 -11.40 9.26 27.53
CA LEU B 186 -12.31 9.63 26.45
C LEU B 186 -12.31 8.57 25.35
N LYS B 187 -11.13 8.11 24.94
CA LYS B 187 -11.06 7.07 23.92
C LYS B 187 -11.69 5.78 24.42
N ASN B 188 -11.54 5.48 25.72
CA ASN B 188 -12.15 4.29 26.28
C ASN B 188 -13.67 4.37 26.30
N GLU B 189 -14.22 5.56 26.60
CA GLU B 189 -15.66 5.73 26.51
C GLU B 189 -16.14 5.54 25.08
N MET B 190 -15.36 6.05 24.12
CA MET B 190 -15.69 5.76 22.72
C MET B 190 -15.65 4.26 22.44
N ALA B 191 -14.72 3.55 23.07
CA ALA B 191 -14.59 2.11 22.86
C ALA B 191 -15.83 1.37 23.32
N ARG B 192 -16.31 1.66 24.55
CA ARG B 192 -17.60 1.11 24.94
C ARG B 192 -18.73 1.60 24.04
N ALA B 193 -18.65 2.82 23.52
CA ALA B 193 -19.70 3.27 22.61
C ALA B 193 -19.73 2.43 21.34
N ASN B 194 -18.59 1.85 20.94
CA ASN B 194 -18.51 1.04 19.73
C ASN B 194 -18.46 -0.46 20.02
N HIS B 195 -19.16 -0.90 21.07
CA HIS B 195 -19.30 -2.33 21.39
C HIS B 195 -17.96 -3.01 21.62
N TYR B 196 -17.03 -2.30 22.24
CA TYR B 196 -15.76 -2.87 22.68
C TYR B 196 -15.54 -2.51 24.14
N GLU B 197 -15.05 -3.45 24.93
CA GLU B 197 -14.81 -3.15 26.34
C GLU B 197 -13.52 -2.39 26.57
N ASP B 198 -12.70 -2.20 25.55
CA ASP B 198 -11.45 -1.47 25.69
C ASP B 198 -11.00 -0.98 24.32
N TYR B 199 -10.12 0.02 24.33
CA TYR B 199 -9.53 0.49 23.07
C TYR B 199 -8.56 -0.52 22.50
N GLY B 200 -7.96 -1.35 23.37
CA GLY B 200 -7.09 -2.42 22.88
C GLY B 200 -7.82 -3.37 21.95
N ASP B 201 -9.07 -3.69 22.27
CA ASP B 201 -9.87 -4.52 21.37
C ASP B 201 -10.12 -3.80 20.05
N TYR B 202 -10.36 -2.49 20.09
CA TYR B 202 -10.55 -1.75 18.85
C TYR B 202 -9.31 -1.83 17.97
N TRP B 203 -8.12 -1.72 18.57
CA TRP B 203 -6.90 -1.86 17.80
C TRP B 203 -6.72 -3.27 17.27
N ARG B 204 -6.98 -4.27 18.11
CA ARG B 204 -6.77 -5.66 17.71
C ARG B 204 -7.84 -6.20 16.77
N GLY B 205 -8.92 -5.43 16.54
CA GLY B 205 -9.98 -5.91 15.67
C GLY B 205 -9.54 -6.22 14.25
N ASP B 206 -8.44 -5.61 13.79
CA ASP B 206 -7.99 -5.87 12.44
C ASP B 206 -7.46 -7.28 12.27
N TYR B 207 -6.91 -7.86 13.34
CA TYR B 207 -6.45 -9.25 13.31
C TYR B 207 -7.57 -10.20 13.75
N GLU B 208 -8.74 -10.08 13.13
CA GLU B 208 -9.90 -10.87 13.53
C GLU B 208 -10.69 -11.30 12.31
N VAL B 209 -11.10 -12.57 12.29
CA VAL B 209 -11.91 -13.10 11.21
C VAL B 209 -12.86 -14.15 11.80
N ASN B 210 -14.11 -14.11 11.35
CA ASN B 210 -15.15 -15.03 11.82
C ASN B 210 -15.93 -15.58 10.64
N GLY B 211 -15.23 -15.93 9.56
CA GLY B 211 -15.89 -16.39 8.35
C GLY B 211 -15.69 -17.87 8.08
N VAL B 212 -14.75 -18.18 7.18
CA VAL B 212 -14.55 -19.56 6.74
C VAL B 212 -14.18 -20.44 7.93
N ASP B 213 -14.80 -21.62 7.98
CA ASP B 213 -14.51 -22.56 9.06
C ASP B 213 -13.08 -23.05 8.94
N GLY B 214 -12.41 -23.21 10.07
CA GLY B 214 -11.04 -23.64 10.11
C GLY B 214 -10.02 -22.52 10.02
N TYR B 215 -10.45 -21.33 9.61
CA TYR B 215 -9.56 -20.17 9.51
C TYR B 215 -9.94 -19.06 10.48
N ASP B 216 -10.82 -19.35 11.44
CA ASP B 216 -11.28 -18.32 12.37
C ASP B 216 -10.16 -17.87 13.28
N TYR B 217 -10.13 -16.56 13.56
CA TYR B 217 -9.12 -15.97 14.42
C TYR B 217 -9.79 -14.91 15.27
N SER B 218 -9.71 -15.05 16.59
CA SER B 218 -10.34 -14.13 17.52
C SER B 218 -9.38 -13.03 17.92
N ARG B 219 -9.94 -11.94 18.45
CA ARG B 219 -9.12 -10.81 18.88
C ARG B 219 -8.22 -11.19 20.05
N GLY B 220 -8.74 -11.95 21.00
CA GLY B 220 -7.98 -12.29 22.20
C GLY B 220 -6.86 -13.27 21.97
N GLN B 221 -6.92 -14.03 20.87
CA GLN B 221 -5.89 -15.04 20.63
C GLN B 221 -4.53 -14.41 20.37
N LEU B 222 -4.50 -13.18 19.85
CA LEU B 222 -3.23 -12.53 19.54
C LEU B 222 -2.41 -12.29 20.80
N ILE B 223 -3.08 -12.01 21.93
CA ILE B 223 -2.37 -11.79 23.18
C ILE B 223 -1.57 -13.03 23.56
N GLU B 224 -2.22 -14.19 23.57
CA GLU B 224 -1.53 -15.42 23.90
C GLU B 224 -0.55 -15.85 22.81
N ASP B 225 -0.76 -15.38 21.57
CA ASP B 225 0.12 -15.75 20.47
C ASP B 225 1.39 -14.92 20.40
N VAL B 226 1.41 -13.72 20.96
CA VAL B 226 2.60 -12.87 20.87
C VAL B 226 3.70 -13.38 21.79
N GLU B 227 3.44 -13.44 23.10
CA GLU B 227 4.49 -13.88 24.01
C GLU B 227 4.76 -15.37 23.91
N HIS B 228 3.92 -16.14 23.23
CA HIS B 228 4.26 -17.53 22.96
C HIS B 228 5.40 -17.63 21.97
N THR B 229 5.39 -16.79 20.93
CA THR B 229 6.47 -16.76 19.96
C THR B 229 7.61 -15.82 20.36
N PHE B 230 7.42 -15.01 21.40
CA PHE B 230 8.50 -14.18 21.89
C PHE B 230 9.49 -14.94 22.77
N GLU B 231 9.06 -16.02 23.42
CA GLU B 231 9.94 -16.75 24.32
C GLU B 231 11.08 -17.45 23.60
N GLU B 232 10.90 -17.82 22.34
CA GLU B 232 11.96 -18.49 21.60
C GLU B 232 13.09 -17.54 21.25
N ILE B 233 12.81 -16.23 21.17
CA ILE B 233 13.82 -15.25 20.81
C ILE B 233 14.72 -14.87 21.98
N LYS B 234 14.26 -15.10 23.22
CA LYS B 234 15.05 -14.69 24.39
C LYS B 234 16.45 -15.27 24.42
N PRO B 235 16.70 -16.55 24.11
CA PRO B 235 18.10 -17.04 24.09
C PRO B 235 18.97 -16.28 23.10
N LEU B 236 18.42 -15.89 21.96
CA LEU B 236 19.21 -15.13 20.98
C LEU B 236 19.45 -13.71 21.45
N TYR B 237 18.47 -13.11 22.13
CA TYR B 237 18.61 -11.73 22.59
C TYR B 237 19.57 -11.63 23.77
N GLU B 238 19.61 -12.64 24.62
CA GLU B 238 20.48 -12.58 25.80
C GLU B 238 21.95 -12.53 25.41
N HIS B 239 22.34 -13.33 24.40
CA HIS B 239 23.73 -13.32 23.96
C HIS B 239 24.13 -11.97 23.38
N LEU B 240 23.24 -11.37 22.58
CA LEU B 240 23.50 -10.03 22.05
C LEU B 240 23.63 -9.02 23.18
N HIS B 241 22.76 -9.12 24.19
CA HIS B 241 22.85 -8.21 25.32
C HIS B 241 24.19 -8.35 26.04
N ALA B 242 24.63 -9.60 26.25
CA ALA B 242 25.89 -9.81 26.94
C ALA B 242 27.07 -9.27 26.12
N TYR B 243 27.06 -9.50 24.81
CA TYR B 243 28.15 -9.02 23.97
C TYR B 243 28.20 -7.51 23.94
N VAL B 244 27.04 -6.86 23.80
CA VAL B 244 26.99 -5.39 23.78
C VAL B 244 27.44 -4.83 25.12
N ARG B 245 27.02 -5.46 26.22
CA ARG B 245 27.43 -4.99 27.55
C ARG B 245 28.93 -5.12 27.73
N ALA B 246 29.52 -6.23 27.30
CA ALA B 246 30.97 -6.38 27.41
C ALA B 246 31.70 -5.34 26.58
N LYS B 247 31.22 -5.08 25.35
CA LYS B 247 31.87 -4.07 24.52
C LYS B 247 31.76 -2.68 25.14
N LEU B 248 30.59 -2.34 25.68
CA LEU B 248 30.42 -1.04 26.33
C LEU B 248 31.31 -0.91 27.56
N MET B 249 31.45 -1.99 28.32
CA MET B 249 32.38 -1.98 29.45
C MET B 249 33.80 -1.74 28.98
N ASN B 250 34.21 -2.40 27.90
CA ASN B 250 35.53 -2.15 27.34
C ASN B 250 35.65 -0.75 26.75
N ALA B 251 34.53 -0.07 26.50
CA ALA B 251 34.53 1.30 26.03
C ALA B 251 34.37 2.31 27.17
N TYR B 252 33.38 2.11 28.05
CA TYR B 252 33.14 3.02 29.16
C TYR B 252 33.71 2.42 30.43
N PRO B 253 34.74 3.02 31.03
CA PRO B 253 35.35 2.41 32.21
C PRO B 253 34.58 2.72 33.48
N SER B 254 34.37 1.67 34.28
CA SER B 254 33.83 1.79 35.64
C SER B 254 32.45 2.47 35.66
N TYR B 255 31.69 2.31 34.58
CA TYR B 255 30.35 2.85 34.49
C TYR B 255 29.26 1.81 34.30
N ILE B 256 29.59 0.61 33.81
CA ILE B 256 28.63 -0.46 33.62
C ILE B 256 29.12 -1.68 34.37
N SER B 257 28.33 -2.15 35.34
CA SER B 257 28.72 -3.34 36.08
C SER B 257 28.55 -4.58 35.22
N PRO B 258 29.39 -5.59 35.39
CA PRO B 258 29.21 -6.84 34.63
C PRO B 258 28.00 -7.63 35.06
N ILE B 259 27.41 -7.30 36.22
CA ILE B 259 26.25 -8.04 36.71
C ILE B 259 24.96 -7.41 36.20
N GLY B 260 24.81 -6.10 36.35
CA GLY B 260 23.61 -5.41 35.96
C GLY B 260 23.53 -5.19 34.47
N CYS B 261 22.43 -4.56 34.05
CA CYS B 261 22.17 -4.29 32.64
C CYS B 261 22.43 -2.83 32.32
N LEU B 262 22.72 -2.58 31.05
CA LEU B 262 23.19 -1.29 30.60
C LEU B 262 22.09 -0.22 30.72
N PRO B 263 22.47 1.04 30.96
CA PRO B 263 21.47 2.10 31.10
C PRO B 263 20.77 2.46 29.80
N ALA B 264 19.92 3.48 29.85
CA ALA B 264 19.08 3.84 28.71
C ALA B 264 19.76 4.80 27.73
N HIS B 265 20.62 5.69 28.21
CA HIS B 265 21.17 6.74 27.38
C HIS B 265 22.46 6.35 26.69
N LEU B 266 22.93 5.11 26.85
CA LEU B 266 24.13 4.63 26.20
C LEU B 266 23.84 3.81 24.95
N LEU B 267 22.56 3.67 24.57
CA LEU B 267 22.22 2.80 23.45
C LEU B 267 22.60 3.42 22.11
N GLY B 268 22.46 4.73 21.98
CA GLY B 268 22.69 5.41 20.71
C GLY B 268 21.46 6.03 20.10
N ASP B 269 20.30 5.92 20.74
CA ASP B 269 19.08 6.56 20.28
C ASP B 269 18.38 7.19 21.48
N MET B 270 17.51 8.16 21.19
CA MET B 270 16.82 8.88 22.27
C MET B 270 15.93 7.94 23.06
N TRP B 271 15.23 7.03 22.38
CA TRP B 271 14.37 6.05 23.03
C TRP B 271 14.94 4.64 22.97
N GLY B 272 16.04 4.42 22.25
CA GLY B 272 16.59 3.10 22.14
C GLY B 272 15.83 2.17 21.23
N ARG B 273 15.07 2.71 20.28
CA ARG B 273 14.30 1.87 19.36
C ARG B 273 15.23 1.01 18.51
N PHE B 274 16.33 1.58 18.03
CA PHE B 274 17.27 0.88 17.16
C PHE B 274 18.66 0.97 17.75
N TRP B 275 19.48 -0.05 17.48
CA TRP B 275 20.85 -0.12 17.95
C TRP B 275 21.85 0.05 16.81
N THR B 276 21.42 0.61 15.67
CA THR B 276 22.30 0.75 14.52
C THR B 276 23.48 1.66 14.83
N ASN B 277 23.23 2.78 15.51
CA ASN B 277 24.28 3.76 15.78
C ASN B 277 25.41 3.17 16.61
N LEU B 278 25.17 2.06 17.30
CA LEU B 278 26.16 1.43 18.14
C LEU B 278 27.07 0.49 17.36
N TYR B 279 26.87 0.36 16.04
CA TYR B 279 27.66 -0.57 15.24
C TYR B 279 29.14 -0.22 15.27
N SER B 280 29.48 1.06 15.40
CA SER B 280 30.89 1.46 15.39
C SER B 280 31.63 0.88 16.59
N LEU B 281 31.01 0.88 17.77
CA LEU B 281 31.69 0.42 18.97
C LEU B 281 31.78 -1.10 19.01
N THR B 282 30.75 -1.80 18.54
CA THR B 282 30.64 -3.25 18.70
C THR B 282 30.94 -4.01 17.41
N VAL B 283 31.78 -3.46 16.55
CA VAL B 283 32.17 -4.19 15.34
C VAL B 283 33.02 -5.39 15.74
N PRO B 284 32.73 -6.59 15.23
CA PRO B 284 33.46 -7.79 15.68
C PRO B 284 34.95 -7.72 15.41
N PHE B 285 35.33 -7.58 14.13
CA PHE B 285 36.73 -7.54 13.76
C PHE B 285 36.79 -6.77 12.44
N GLY B 286 37.19 -5.51 12.51
CA GLY B 286 37.03 -4.60 11.39
C GLY B 286 38.24 -4.42 10.50
N GLN B 287 39.16 -5.40 10.51
CA GLN B 287 40.33 -5.31 9.64
C GLN B 287 39.92 -5.25 8.17
N LYS B 288 39.02 -6.15 7.76
CA LYS B 288 38.57 -6.14 6.37
C LYS B 288 37.53 -5.04 6.17
N PRO B 289 37.50 -4.43 4.99
CA PRO B 289 36.55 -3.34 4.75
C PRO B 289 35.13 -3.88 4.53
N ASN B 290 34.17 -2.99 4.74
CA ASN B 290 32.78 -3.30 4.50
C ASN B 290 32.48 -3.24 3.00
N ILE B 291 31.33 -3.79 2.62
CA ILE B 291 30.93 -3.83 1.22
C ILE B 291 30.28 -2.51 0.84
N ASP B 292 30.92 -1.78 -0.09
CA ASP B 292 30.37 -0.54 -0.61
C ASP B 292 30.69 -0.44 -2.09
N VAL B 293 29.70 0.00 -2.88
CA VAL B 293 29.86 0.08 -4.32
C VAL B 293 29.49 1.48 -4.80
N THR B 294 29.34 2.42 -3.86
CA THR B 294 28.94 3.77 -4.23
C THR B 294 29.99 4.43 -5.14
N ASP B 295 31.27 4.28 -4.81
CA ASP B 295 32.31 4.81 -5.67
C ASP B 295 32.31 4.11 -7.03
N ALA B 296 32.00 2.81 -7.06
CA ALA B 296 31.87 2.12 -8.34
C ALA B 296 30.72 2.67 -9.15
N MET B 297 29.59 2.99 -8.49
CA MET B 297 28.47 3.59 -9.19
C MET B 297 28.85 4.96 -9.76
N VAL B 298 29.57 5.77 -8.99
CA VAL B 298 29.99 7.07 -9.48
C VAL B 298 30.96 6.93 -10.65
N ASP B 299 31.88 5.95 -10.57
CA ASP B 299 32.83 5.74 -11.65
C ASP B 299 32.13 5.36 -12.94
N GLN B 300 31.09 4.52 -12.86
CA GLN B 300 30.36 4.08 -14.04
C GLN B 300 29.31 5.07 -14.50
N ALA B 301 29.18 6.21 -13.81
CA ALA B 301 28.26 7.29 -14.20
C ALA B 301 26.81 6.80 -14.25
N TRP B 302 26.31 6.40 -13.09
CA TRP B 302 24.94 5.94 -12.94
C TRP B 302 24.06 7.10 -12.50
N ASP B 303 23.00 7.38 -13.26
CA ASP B 303 22.02 8.39 -12.91
C ASP B 303 20.76 7.72 -12.36
N ALA B 304 19.72 8.52 -12.13
CA ALA B 304 18.48 8.00 -11.57
C ALA B 304 17.80 7.01 -12.51
N GLN B 305 17.82 7.31 -13.82
CA GLN B 305 17.18 6.44 -14.79
C GLN B 305 17.80 5.05 -14.77
N ARG B 306 19.13 4.97 -14.72
CA ARG B 306 19.81 3.68 -14.68
C ARG B 306 19.42 2.90 -13.42
N ILE B 307 19.37 3.58 -12.27
CA ILE B 307 19.01 2.90 -11.03
C ILE B 307 17.60 2.36 -11.11
N PHE B 308 16.66 3.18 -11.56
CA PHE B 308 15.26 2.76 -11.60
C PHE B 308 14.97 1.77 -12.73
N LYS B 309 15.86 1.65 -13.70
CA LYS B 309 15.68 0.61 -14.71
C LYS B 309 16.31 -0.71 -14.28
N GLU B 310 17.45 -0.67 -13.58
CA GLU B 310 17.99 -1.88 -13.00
C GLU B 310 17.13 -2.41 -11.86
N ALA B 311 16.37 -1.54 -11.20
CA ALA B 311 15.40 -1.98 -10.21
C ALA B 311 14.15 -2.57 -10.83
N GLU B 312 13.92 -2.35 -12.13
CA GLU B 312 12.78 -2.92 -12.84
C GLU B 312 13.12 -4.20 -13.57
N LYS B 313 14.33 -4.31 -14.11
CA LYS B 313 14.74 -5.55 -14.77
C LYS B 313 14.72 -6.72 -13.79
N PHE B 314 14.99 -6.47 -12.51
CA PHE B 314 14.93 -7.54 -11.52
C PHE B 314 13.51 -8.10 -11.41
N PHE B 315 12.52 -7.23 -11.26
CA PHE B 315 11.14 -7.70 -11.16
C PHE B 315 10.67 -8.33 -12.46
N VAL B 316 11.14 -7.83 -13.60
CA VAL B 316 10.80 -8.46 -14.87
C VAL B 316 11.37 -9.88 -14.93
N SER B 317 12.62 -10.05 -14.49
CA SER B 317 13.25 -11.37 -14.51
C SER B 317 12.55 -12.33 -13.56
N VAL B 318 12.10 -11.85 -12.41
CA VAL B 318 11.39 -12.70 -11.47
C VAL B 318 10.12 -13.25 -12.11
N GLY B 319 9.38 -12.41 -12.82
CA GLY B 319 8.19 -12.86 -13.51
C GLY B 319 7.02 -11.91 -13.38
N LEU B 320 7.16 -10.91 -12.52
CA LEU B 320 6.10 -9.94 -12.33
C LEU B 320 5.96 -9.05 -13.57
N PRO B 321 4.75 -8.55 -13.83
CA PRO B 321 4.53 -7.78 -15.06
C PRO B 321 5.32 -6.49 -15.08
N ASN B 322 5.69 -6.07 -16.29
CA ASN B 322 6.37 -4.79 -16.47
C ASN B 322 5.44 -3.63 -16.11
N MET B 323 6.04 -2.54 -15.67
CA MET B 323 5.26 -1.41 -15.19
C MET B 323 4.76 -0.56 -16.36
N THR B 324 3.64 0.13 -16.11
CA THR B 324 2.93 0.83 -17.18
C THR B 324 3.67 2.08 -17.63
N GLN B 325 3.44 2.45 -18.88
CA GLN B 325 3.91 3.74 -19.38
C GLN B 325 3.15 4.87 -18.70
N GLY B 326 3.83 6.00 -18.54
CA GLY B 326 3.32 7.13 -17.81
C GLY B 326 3.87 7.24 -16.40
N PHE B 327 4.28 6.12 -15.82
CA PHE B 327 5.03 6.17 -14.57
C PHE B 327 6.35 6.90 -14.75
N TRP B 328 6.97 6.76 -15.93
CA TRP B 328 8.21 7.46 -16.22
C TRP B 328 7.99 8.93 -16.53
N GLU B 329 6.75 9.33 -16.82
CA GLU B 329 6.45 10.70 -17.22
C GLU B 329 5.95 11.56 -16.06
N ASN B 330 5.08 11.01 -15.20
CA ASN B 330 4.45 11.80 -14.15
C ASN B 330 5.24 11.78 -12.85
N SER B 331 5.92 10.68 -12.53
CA SER B 331 6.61 10.59 -11.25
C SER B 331 7.78 11.56 -11.18
N MET B 332 7.92 12.23 -10.03
CA MET B 332 9.02 13.15 -9.78
C MET B 332 10.18 12.34 -9.23
N LEU B 333 11.04 11.88 -10.14
CA LEU B 333 12.04 10.88 -9.77
C LEU B 333 13.21 11.47 -8.99
N THR B 334 13.65 12.68 -9.33
CA THR B 334 14.90 13.17 -8.76
C THR B 334 15.01 14.68 -8.89
N ASP B 335 15.50 15.32 -7.81
CA ASP B 335 16.05 16.66 -7.85
C ASP B 335 15.08 17.73 -8.34
N PRO B 336 14.10 18.14 -7.53
CA PRO B 336 13.28 19.30 -7.92
C PRO B 336 14.11 20.53 -8.20
N GLY B 337 15.17 20.77 -7.43
CA GLY B 337 16.13 21.80 -7.77
C GLY B 337 15.84 23.18 -7.24
N ASN B 338 15.25 24.02 -8.09
CA ASN B 338 15.06 25.44 -7.80
C ASN B 338 13.89 25.69 -6.86
N VAL B 339 13.41 26.94 -6.81
CA VAL B 339 12.33 27.39 -5.94
C VAL B 339 11.16 26.41 -5.95
N GLN B 340 11.07 25.60 -7.02
CA GLN B 340 10.07 24.55 -7.11
C GLN B 340 10.45 23.47 -6.09
N LYS B 341 10.11 23.72 -4.83
CA LYS B 341 10.48 22.84 -3.74
C LYS B 341 9.50 21.66 -3.65
N ALA B 342 9.89 20.66 -2.88
CA ALA B 342 9.06 19.49 -2.67
C ALA B 342 9.53 18.76 -1.43
N VAL B 343 8.57 18.28 -0.63
CA VAL B 343 8.87 17.37 0.48
C VAL B 343 8.99 15.98 -0.10
N CYS B 344 10.15 15.36 0.06
CA CYS B 344 10.46 14.12 -0.66
C CYS B 344 10.89 13.02 0.29
N HIS B 345 10.12 12.82 1.35
CA HIS B 345 10.18 11.55 2.05
C HIS B 345 9.78 10.45 1.06
N PRO B 346 10.59 9.42 0.88
CA PRO B 346 10.33 8.46 -0.21
C PRO B 346 8.97 7.79 -0.07
N THR B 347 8.14 7.94 -1.10
CA THR B 347 6.79 7.39 -1.07
C THR B 347 6.44 6.78 -2.41
N ALA B 348 5.48 5.84 -2.37
CA ALA B 348 4.87 5.26 -3.56
C ALA B 348 3.39 5.56 -3.52
N TRP B 349 2.88 6.22 -4.55
CA TRP B 349 1.53 6.73 -4.59
C TRP B 349 0.67 5.89 -5.52
N ASP B 350 -0.50 5.48 -5.03
CA ASP B 350 -1.52 4.80 -5.83
C ASP B 350 -2.72 5.74 -5.89
N LEU B 351 -2.78 6.56 -6.93
CA LEU B 351 -3.82 7.57 -7.05
C LEU B 351 -5.16 7.02 -7.51
N GLY B 352 -5.22 5.74 -7.87
CA GLY B 352 -6.44 5.15 -8.36
C GLY B 352 -6.64 5.38 -9.85
N LYS B 353 -7.68 4.74 -10.37
CA LYS B 353 -8.00 4.79 -11.80
C LYS B 353 -6.80 4.39 -12.65
N GLY B 354 -6.09 3.36 -12.20
CA GLY B 354 -4.94 2.88 -12.94
C GLY B 354 -3.78 3.85 -13.02
N ASP B 355 -3.55 4.63 -11.97
CA ASP B 355 -2.47 5.61 -11.93
C ASP B 355 -1.54 5.28 -10.77
N PHE B 356 -0.26 5.10 -11.06
CA PHE B 356 0.75 4.79 -10.06
C PHE B 356 1.95 5.70 -10.26
N ARG B 357 2.50 6.19 -9.15
CA ARG B 357 3.62 7.12 -9.22
C ARG B 357 4.56 6.86 -8.05
N ILE B 358 5.75 7.45 -8.13
CA ILE B 358 6.74 7.35 -7.07
C ILE B 358 7.28 8.75 -6.80
N LEU B 359 7.80 8.94 -5.59
CA LEU B 359 8.34 10.25 -5.22
C LEU B 359 9.56 10.04 -4.33
N MET B 360 10.69 10.65 -4.73
CA MET B 360 11.97 10.44 -4.07
C MET B 360 12.95 11.50 -4.55
N CYS B 361 13.85 11.91 -3.66
CA CYS B 361 15.03 12.69 -4.04
C CYS B 361 16.21 11.73 -4.15
N THR B 362 16.24 11.01 -5.28
CA THR B 362 17.25 9.98 -5.48
C THR B 362 18.65 10.59 -5.63
N LYS B 363 19.64 9.89 -5.07
CA LYS B 363 21.04 10.22 -5.24
C LYS B 363 21.82 8.94 -5.55
N VAL B 364 23.09 9.10 -5.91
CA VAL B 364 23.93 7.97 -6.29
C VAL B 364 24.50 7.41 -4.99
N THR B 365 23.75 6.48 -4.38
CA THR B 365 24.16 5.83 -3.15
C THR B 365 23.48 4.47 -3.08
N MET B 366 24.16 3.50 -2.46
CA MET B 366 23.57 2.18 -2.30
C MET B 366 22.31 2.21 -1.46
N ASP B 367 22.25 3.12 -0.48
CA ASP B 367 21.05 3.26 0.32
C ASP B 367 19.86 3.65 -0.55
N ASP B 368 20.08 4.58 -1.48
CA ASP B 368 19.02 4.94 -2.42
C ASP B 368 18.67 3.78 -3.33
N PHE B 369 19.64 2.93 -3.68
CA PHE B 369 19.35 1.74 -4.47
C PHE B 369 18.40 0.81 -3.74
N LEU B 370 18.70 0.53 -2.47
CA LEU B 370 17.82 -0.35 -1.68
C LEU B 370 16.45 0.29 -1.46
N THR B 371 16.41 1.61 -1.22
CA THR B 371 15.14 2.28 -1.05
C THR B 371 14.32 2.23 -2.33
N ALA B 372 14.97 2.35 -3.49
CA ALA B 372 14.28 2.22 -4.76
C ALA B 372 13.70 0.82 -4.93
N HIS B 373 14.45 -0.21 -4.55
CA HIS B 373 13.92 -1.56 -4.58
C HIS B 373 12.70 -1.71 -3.68
N HIS B 374 12.78 -1.12 -2.48
CA HIS B 374 11.67 -1.20 -1.52
C HIS B 374 10.40 -0.55 -2.08
N GLU B 375 10.53 0.67 -2.59
CA GLU B 375 9.37 1.36 -3.16
C GLU B 375 8.87 0.65 -4.42
N MET B 376 9.77 0.04 -5.18
CA MET B 376 9.37 -0.72 -6.36
C MET B 376 8.51 -1.91 -5.96
N GLY B 377 8.91 -2.60 -4.89
CA GLY B 377 8.08 -3.68 -4.38
C GLY B 377 6.72 -3.20 -3.90
N HIS B 378 6.70 -2.04 -3.24
CA HIS B 378 5.42 -1.45 -2.84
C HIS B 378 4.52 -1.22 -4.05
N ILE B 379 5.09 -0.65 -5.11
CA ILE B 379 4.32 -0.35 -6.32
C ILE B 379 3.81 -1.63 -6.96
N GLN B 380 4.64 -2.67 -7.01
CA GLN B 380 4.22 -3.95 -7.58
C GLN B 380 3.05 -4.53 -6.80
N TYR B 381 3.14 -4.51 -5.47
CA TYR B 381 2.05 -5.04 -4.66
C TYR B 381 0.78 -4.22 -4.85
N ASP B 382 0.91 -2.90 -4.97
CA ASP B 382 -0.26 -2.07 -5.24
C ASP B 382 -0.89 -2.41 -6.58
N MET B 383 -0.06 -2.64 -7.61
CA MET B 383 -0.57 -3.00 -8.93
C MET B 383 -1.19 -4.39 -8.96
N ALA B 384 -0.82 -5.27 -8.03
CA ALA B 384 -1.27 -6.66 -8.10
C ALA B 384 -2.78 -6.78 -7.98
N TYR B 385 -3.39 -6.06 -7.04
CA TYR B 385 -4.80 -6.24 -6.73
C TYR B 385 -5.69 -5.12 -7.27
N ALA B 386 -5.33 -4.57 -8.43
CA ALA B 386 -6.12 -3.47 -9.00
C ALA B 386 -7.49 -3.92 -9.47
N ALA B 387 -7.71 -5.23 -9.67
CA ALA B 387 -8.97 -5.72 -10.18
C ALA B 387 -10.04 -5.88 -9.11
N GLN B 388 -9.66 -5.84 -7.83
CA GLN B 388 -10.63 -6.00 -6.76
C GLN B 388 -11.52 -4.76 -6.65
N PRO B 389 -12.68 -4.88 -6.01
CA PRO B 389 -13.53 -3.71 -5.77
C PRO B 389 -12.80 -2.67 -4.93
N PHE B 390 -13.43 -1.49 -4.83
CA PHE B 390 -12.76 -0.33 -4.24
C PHE B 390 -12.42 -0.56 -2.77
N LEU B 391 -13.32 -1.16 -2.01
CA LEU B 391 -13.12 -1.31 -0.58
C LEU B 391 -12.22 -2.47 -0.21
N LEU B 392 -11.75 -3.26 -1.19
CA LEU B 392 -10.90 -4.41 -0.91
C LEU B 392 -9.49 -4.24 -1.48
N ARG B 393 -9.09 -3.01 -1.79
CA ARG B 393 -7.76 -2.75 -2.35
C ARG B 393 -6.79 -2.37 -1.23
N ASN B 394 -6.42 -3.39 -0.46
CA ASN B 394 -5.46 -3.23 0.63
C ASN B 394 -4.85 -4.60 0.92
N GLY B 395 -3.80 -4.58 1.74
CA GLY B 395 -3.20 -5.83 2.17
C GLY B 395 -4.11 -6.60 3.09
N ALA B 396 -3.79 -7.89 3.27
CA ALA B 396 -4.62 -8.75 4.11
C ALA B 396 -4.66 -8.23 5.54
N ASN B 397 -3.51 -7.82 6.07
CA ASN B 397 -3.43 -7.12 7.34
C ASN B 397 -2.40 -6.01 7.21
N GLU B 398 -2.19 -5.26 8.29
CA GLU B 398 -1.28 -4.12 8.24
C GLU B 398 0.18 -4.53 8.17
N GLY B 399 0.50 -5.81 8.35
CA GLY B 399 1.89 -6.24 8.36
C GLY B 399 2.41 -6.78 7.05
N PHE B 400 1.52 -7.11 6.12
CA PHE B 400 1.95 -7.73 4.87
C PHE B 400 2.63 -6.74 3.93
N HIS B 401 2.15 -5.49 3.91
CA HIS B 401 2.60 -4.54 2.90
C HIS B 401 4.08 -4.21 3.07
N GLU B 402 4.49 -3.87 4.31
CA GLU B 402 5.88 -3.54 4.56
C GLU B 402 6.78 -4.76 4.44
N ALA B 403 6.29 -5.95 4.81
CA ALA B 403 7.08 -7.16 4.63
C ALA B 403 7.36 -7.42 3.16
N VAL B 404 6.34 -7.29 2.32
CA VAL B 404 6.54 -7.44 0.88
C VAL B 404 7.52 -6.40 0.36
N GLY B 405 7.42 -5.17 0.87
CA GLY B 405 8.39 -4.16 0.48
C GLY B 405 9.82 -4.51 0.85
N GLU B 406 10.01 -5.02 2.07
CA GLU B 406 11.36 -5.28 2.57
C GLU B 406 11.97 -6.57 2.03
N ILE B 407 11.17 -7.48 1.51
CA ILE B 407 11.71 -8.72 0.95
C ILE B 407 12.68 -8.41 -0.19
N MET B 408 12.29 -7.49 -1.08
CA MET B 408 13.15 -7.13 -2.20
C MET B 408 14.44 -6.49 -1.73
N SER B 409 14.36 -5.63 -0.71
CA SER B 409 15.57 -5.03 -0.16
C SER B 409 16.50 -6.08 0.41
N LEU B 410 15.95 -7.08 1.11
CA LEU B 410 16.77 -8.16 1.62
C LEU B 410 17.43 -8.94 0.49
N SER B 411 16.67 -9.23 -0.57
CA SER B 411 17.16 -10.10 -1.64
C SER B 411 17.97 -9.39 -2.70
N ALA B 412 18.08 -8.06 -2.64
CA ALA B 412 18.81 -7.29 -3.64
C ALA B 412 20.13 -6.73 -3.12
N ALA B 413 20.62 -7.24 -2.00
CA ALA B 413 21.87 -6.77 -1.42
C ALA B 413 22.93 -7.85 -1.29
N THR B 414 22.65 -9.07 -1.74
CA THR B 414 23.63 -10.13 -1.64
C THR B 414 24.80 -9.88 -2.57
N PRO B 415 26.01 -10.33 -2.20
CA PRO B 415 27.16 -10.14 -3.09
C PRO B 415 26.99 -10.80 -4.46
N LYS B 416 26.30 -11.93 -4.52
CA LYS B 416 26.10 -12.61 -5.80
C LYS B 416 25.29 -11.75 -6.75
N HIS B 417 24.21 -11.16 -6.27
CA HIS B 417 23.39 -10.29 -7.12
C HIS B 417 24.17 -9.05 -7.55
N LEU B 418 24.96 -8.48 -6.64
CA LEU B 418 25.78 -7.33 -7.00
C LEU B 418 26.79 -7.69 -8.09
N LYS B 419 27.42 -8.86 -7.98
CA LYS B 419 28.37 -9.29 -8.99
C LYS B 419 27.69 -9.61 -10.31
N SER B 420 26.43 -10.05 -10.26
CA SER B 420 25.71 -10.37 -11.49
C SER B 420 25.54 -9.14 -12.37
N ILE B 421 25.22 -8.00 -11.77
CA ILE B 421 25.01 -6.76 -12.51
C ILE B 421 26.34 -6.05 -12.69
N GLY B 422 27.42 -6.70 -12.30
CA GLY B 422 28.76 -6.19 -12.56
C GLY B 422 29.13 -4.91 -11.83
N LEU B 423 28.75 -4.79 -10.56
CA LEU B 423 29.21 -3.69 -9.72
C LEU B 423 30.43 -4.08 -8.89
N LEU B 424 30.36 -5.20 -8.19
CA LEU B 424 31.53 -5.74 -7.51
C LEU B 424 32.47 -6.38 -8.52
N SER B 425 33.74 -6.50 -8.14
CA SER B 425 34.73 -7.06 -9.03
C SER B 425 34.44 -8.53 -9.30
N PRO B 426 34.56 -8.99 -10.56
CA PRO B 426 34.31 -10.41 -10.86
C PRO B 426 35.26 -11.36 -10.14
N ASP B 427 36.36 -10.87 -9.60
CA ASP B 427 37.35 -11.68 -8.88
C ASP B 427 37.29 -11.42 -7.38
N PHE B 428 36.07 -11.31 -6.85
CA PHE B 428 35.85 -11.06 -5.43
C PHE B 428 35.59 -12.38 -4.71
N GLN B 429 36.31 -12.59 -3.59
CA GLN B 429 36.16 -13.78 -2.76
C GLN B 429 35.71 -13.36 -1.37
N GLU B 430 34.58 -13.89 -0.93
CA GLU B 430 34.11 -13.65 0.42
C GLU B 430 34.66 -14.70 1.39
N ASP B 431 34.69 -14.35 2.67
CA ASP B 431 35.31 -15.19 3.68
C ASP B 431 34.48 -15.09 4.97
N ASN B 432 35.07 -15.54 6.08
CA ASN B 432 34.35 -15.57 7.34
C ASN B 432 33.91 -14.18 7.77
N GLU B 433 34.86 -13.25 7.80
CA GLU B 433 34.72 -12.05 8.62
C GLU B 433 33.73 -11.07 8.02
N THR B 434 33.75 -10.89 6.71
CA THR B 434 32.79 -9.96 6.09
C THR B 434 31.36 -10.47 6.26
N GLU B 435 31.16 -11.79 6.13
CA GLU B 435 29.85 -12.36 6.32
C GLU B 435 29.37 -12.18 7.76
N ILE B 436 30.23 -12.48 8.73
CA ILE B 436 29.85 -12.33 10.13
C ILE B 436 29.56 -10.87 10.44
N ASN B 437 30.38 -9.95 9.92
CA ASN B 437 30.20 -8.53 10.17
C ASN B 437 28.87 -8.04 9.61
N PHE B 438 28.54 -8.43 8.38
CA PHE B 438 27.26 -8.02 7.80
C PHE B 438 26.09 -8.60 8.58
N LEU B 439 26.21 -9.87 9.00
CA LEU B 439 25.14 -10.49 9.77
C LEU B 439 24.91 -9.77 11.09
N LEU B 440 25.99 -9.42 11.79
CA LEU B 440 25.84 -8.70 13.05
C LEU B 440 25.30 -7.29 12.82
N LYS B 441 25.71 -6.64 11.73
CA LYS B 441 25.17 -5.32 11.42
C LYS B 441 23.67 -5.37 11.21
N GLN B 442 23.19 -6.39 10.49
CA GLN B 442 21.75 -6.51 10.30
C GLN B 442 21.04 -6.91 11.58
N ALA B 443 21.68 -7.74 12.42
CA ALA B 443 21.06 -8.16 13.66
C ALA B 443 20.89 -7.00 14.64
N LEU B 444 21.85 -6.07 14.64
CA LEU B 444 21.76 -4.92 15.54
C LEU B 444 20.50 -4.09 15.28
N THR B 445 19.92 -4.18 14.09
CA THR B 445 18.72 -3.44 13.74
C THR B 445 17.47 -4.30 13.78
N ILE B 446 17.53 -5.53 13.27
CA ILE B 446 16.32 -6.34 13.11
C ILE B 446 15.89 -6.94 14.45
N VAL B 447 16.75 -7.74 15.07
CA VAL B 447 16.35 -8.47 16.27
C VAL B 447 16.52 -7.65 17.54
N GLY B 448 17.22 -6.52 17.47
CA GLY B 448 17.42 -5.69 18.64
C GLY B 448 16.28 -4.77 18.99
N THR B 449 15.20 -4.76 18.21
CA THR B 449 14.07 -3.87 18.46
C THR B 449 12.80 -4.60 18.86
N LEU B 450 12.75 -5.93 18.75
CA LEU B 450 11.54 -6.67 19.09
C LEU B 450 11.14 -6.53 20.55
N PRO B 451 12.04 -6.71 21.54
CA PRO B 451 11.60 -6.57 22.94
C PRO B 451 11.05 -5.19 23.26
N PHE B 452 11.62 -4.14 22.67
CA PHE B 452 11.13 -2.79 22.92
C PHE B 452 9.68 -2.64 22.45
N THR B 453 9.40 -3.08 21.22
CA THR B 453 8.04 -3.00 20.70
C THR B 453 7.08 -3.85 21.51
N TYR B 454 7.51 -5.06 21.88
CA TYR B 454 6.65 -5.93 22.67
C TYR B 454 6.30 -5.29 24.02
N MET B 455 7.31 -4.74 24.69
CA MET B 455 7.08 -4.13 25.99
C MET B 455 6.17 -2.91 25.88
N LEU B 456 6.40 -2.07 24.87
CA LEU B 456 5.57 -0.87 24.72
C LEU B 456 4.12 -1.25 24.45
N GLU B 457 3.89 -2.19 23.54
CA GLU B 457 2.52 -2.58 23.23
C GLU B 457 1.85 -3.26 24.41
N LYS B 458 2.59 -4.09 25.15
CA LYS B 458 2.03 -4.71 26.34
C LYS B 458 1.62 -3.66 27.36
N TRP B 459 2.48 -2.68 27.61
CA TRP B 459 2.17 -1.64 28.57
C TRP B 459 0.94 -0.85 28.15
N ARG B 460 0.84 -0.51 26.86
CA ARG B 460 -0.32 0.25 26.39
C ARG B 460 -1.59 -0.58 26.51
N TRP B 461 -1.52 -1.88 26.21
CA TRP B 461 -2.68 -2.74 26.36
C TRP B 461 -3.14 -2.79 27.80
N MET B 462 -2.21 -2.96 28.74
CA MET B 462 -2.60 -3.02 30.15
C MET B 462 -3.15 -1.68 30.64
N VAL B 463 -2.55 -0.56 30.21
CA VAL B 463 -3.02 0.73 30.69
C VAL B 463 -4.41 1.04 30.14
N PHE B 464 -4.70 0.62 28.91
CA PHE B 464 -6.07 0.75 28.40
C PHE B 464 -7.02 -0.18 29.13
N LYS B 465 -6.57 -1.39 29.45
CA LYS B 465 -7.42 -2.33 30.18
C LYS B 465 -7.65 -1.90 31.62
N GLY B 466 -6.82 -1.01 32.15
CA GLY B 466 -6.99 -0.56 33.52
C GLY B 466 -6.44 -1.49 34.57
N GLU B 467 -5.60 -2.46 34.18
CA GLU B 467 -4.99 -3.35 35.16
C GLU B 467 -4.09 -2.57 36.12
N ILE B 468 -3.30 -1.64 35.59
CA ILE B 468 -2.46 -0.78 36.41
C ILE B 468 -3.21 0.52 36.66
N PRO B 469 -3.40 0.94 37.91
CA PRO B 469 -4.13 2.18 38.17
C PRO B 469 -3.30 3.42 37.83
N LYS B 470 -3.85 4.60 38.13
CA LYS B 470 -3.21 5.84 37.72
C LYS B 470 -1.84 6.02 38.38
N ASP B 471 -1.74 5.70 39.67
CA ASP B 471 -0.48 5.89 40.38
C ASP B 471 0.59 4.93 39.87
N GLN B 472 0.20 3.73 39.47
CA GLN B 472 1.14 2.70 39.06
C GLN B 472 1.50 2.81 37.58
N TRP B 473 1.88 4.01 37.13
CA TRP B 473 2.20 4.23 35.73
C TRP B 473 3.70 4.31 35.48
N MET B 474 4.38 5.26 36.12
CA MET B 474 5.80 5.46 35.86
C MET B 474 6.69 4.43 36.52
N LYS B 475 6.19 3.70 37.52
CA LYS B 475 7.00 2.67 38.14
C LYS B 475 6.82 1.31 37.47
N LYS B 476 5.59 0.99 37.05
CA LYS B 476 5.35 -0.27 36.35
C LYS B 476 6.10 -0.32 35.03
N TRP B 477 6.07 0.79 34.28
CA TRP B 477 6.82 0.89 33.03
C TRP B 477 8.28 0.56 33.24
N TRP B 478 8.93 1.21 34.20
CA TRP B 478 10.36 1.07 34.37
C TRP B 478 10.75 -0.23 35.05
N GLU B 479 9.89 -0.81 35.88
CA GLU B 479 10.24 -2.12 36.43
C GLU B 479 10.10 -3.19 35.36
N MET B 480 9.06 -3.10 34.52
CA MET B 480 8.87 -4.08 33.45
C MET B 480 9.98 -3.99 32.41
N LYS B 481 10.44 -2.77 32.11
CA LYS B 481 11.52 -2.60 31.15
C LYS B 481 12.78 -3.33 31.56
N ARG B 482 12.97 -3.56 32.87
CA ARG B 482 14.19 -4.22 33.32
C ARG B 482 14.24 -5.69 32.91
N GLU B 483 13.16 -6.44 33.16
CA GLU B 483 13.21 -7.86 32.78
C GLU B 483 12.95 -8.05 31.29
N ILE B 484 12.04 -7.25 30.71
CA ILE B 484 11.71 -7.47 29.31
C ILE B 484 12.85 -7.01 28.40
N VAL B 485 13.40 -5.83 28.66
CA VAL B 485 14.40 -5.23 27.78
C VAL B 485 15.80 -5.30 28.39
N GLY B 486 15.93 -4.93 29.66
CA GLY B 486 17.24 -4.86 30.28
C GLY B 486 17.81 -3.46 30.31
N VAL B 487 17.01 -2.51 30.80
CA VAL B 487 17.40 -1.11 30.88
C VAL B 487 17.10 -0.61 32.28
N VAL B 488 18.05 0.13 32.87
CA VAL B 488 17.91 0.65 34.23
C VAL B 488 17.61 2.14 34.19
N GLU B 489 17.26 2.67 35.35
CA GLU B 489 17.03 4.11 35.52
C GLU B 489 18.36 4.86 35.56
N PRO B 490 18.59 5.82 34.67
CA PRO B 490 19.72 6.74 34.88
C PRO B 490 19.51 7.61 36.11
N VAL B 491 18.37 8.30 36.16
CA VAL B 491 17.94 9.06 37.33
C VAL B 491 16.44 8.84 37.53
N PRO B 492 15.98 8.63 38.76
CA PRO B 492 14.58 8.20 38.95
C PRO B 492 13.57 9.27 38.61
N HIS B 493 12.39 8.82 38.18
CA HIS B 493 11.21 9.65 37.99
C HIS B 493 10.08 9.04 38.79
N ASP B 494 9.37 9.86 39.58
CA ASP B 494 8.43 9.30 40.56
C ASP B 494 7.00 9.21 40.01
N GLU B 495 6.36 10.36 39.79
CA GLU B 495 5.01 10.31 39.23
C GLU B 495 4.71 11.48 38.31
N THR B 496 5.64 12.44 38.21
CA THR B 496 5.36 13.70 37.54
C THR B 496 5.85 13.73 36.11
N TYR B 497 6.31 12.60 35.58
CA TYR B 497 6.77 12.49 34.21
C TYR B 497 5.88 11.54 33.44
N CYS B 498 5.91 11.67 32.11
CA CYS B 498 5.26 10.73 31.20
C CYS B 498 6.29 10.34 30.16
N ASP B 499 7.10 9.34 30.48
CA ASP B 499 8.18 8.93 29.57
C ASP B 499 7.66 8.39 28.25
N PRO B 500 6.69 7.47 28.20
CA PRO B 500 6.23 6.96 26.89
C PRO B 500 5.60 8.03 26.02
N ALA B 501 5.12 9.14 26.60
CA ALA B 501 4.51 10.19 25.80
C ALA B 501 5.51 10.84 24.86
N SER B 502 6.80 10.79 25.20
CA SER B 502 7.82 11.40 24.35
C SER B 502 8.20 10.46 23.21
N LEU B 503 7.20 10.00 22.46
CA LEU B 503 7.42 9.13 21.31
C LEU B 503 6.41 9.45 20.23
N PHE B 504 6.84 9.34 18.98
CA PHE B 504 5.98 9.72 17.86
C PHE B 504 4.73 8.85 17.79
N HIS B 505 4.88 7.54 18.00
CA HIS B 505 3.78 6.60 17.84
C HIS B 505 2.93 6.47 19.09
N VAL B 506 3.20 7.29 20.11
CA VAL B 506 2.39 7.29 21.32
C VAL B 506 1.57 8.56 21.50
N SER B 507 2.04 9.72 21.02
CA SER B 507 1.29 10.96 21.12
C SER B 507 0.46 11.26 19.88
N ASN B 508 0.68 10.56 18.77
CA ASN B 508 -0.04 10.80 17.53
C ASN B 508 -1.09 9.73 17.23
N ASP B 509 -1.39 8.86 18.21
CA ASP B 509 -2.44 7.84 18.07
C ASP B 509 -2.15 6.90 16.90
N TYR B 510 -1.05 6.16 17.03
CA TYR B 510 -0.65 5.18 16.04
C TYR B 510 -0.45 3.83 16.71
N SER B 511 -1.02 2.78 16.14
CA SER B 511 -0.81 1.44 16.65
C SER B 511 0.63 1.02 16.42
N PHE B 512 1.19 0.25 17.37
CA PHE B 512 2.60 -0.10 17.34
C PHE B 512 2.86 -1.59 17.24
N ILE B 513 1.82 -2.41 17.00
CA ILE B 513 2.02 -3.85 16.88
C ILE B 513 2.36 -4.27 15.46
N ARG B 514 2.27 -3.36 14.49
CA ARG B 514 2.58 -3.69 13.10
C ARG B 514 4.04 -4.13 12.95
N TYR B 515 4.95 -3.40 13.59
CA TYR B 515 6.38 -3.64 13.40
C TYR B 515 6.84 -4.95 14.00
N TYR B 516 6.11 -5.48 14.98
CA TYR B 516 6.48 -6.79 15.53
C TYR B 516 6.16 -7.92 14.56
N THR B 517 4.97 -7.89 13.96
CA THR B 517 4.58 -8.94 13.03
C THR B 517 5.24 -8.79 11.66
N ARG B 518 5.65 -7.58 11.29
CA ARG B 518 6.26 -7.37 9.98
C ARG B 518 7.51 -8.22 9.81
N THR B 519 8.36 -8.26 10.85
CA THR B 519 9.62 -9.00 10.75
C THR B 519 9.38 -10.49 10.55
N LEU B 520 8.50 -11.07 11.37
CA LEU B 520 8.24 -12.50 11.25
C LEU B 520 7.61 -12.83 9.92
N TYR B 521 6.67 -11.99 9.45
CA TYR B 521 6.06 -12.25 8.15
C TYR B 521 7.10 -12.20 7.03
N GLN B 522 7.97 -11.19 7.04
CA GLN B 522 8.96 -11.07 5.98
C GLN B 522 9.93 -12.25 6.00
N PHE B 523 10.32 -12.70 7.18
CA PHE B 523 11.28 -13.81 7.24
C PHE B 523 10.63 -15.11 6.81
N GLN B 524 9.37 -15.35 7.19
CA GLN B 524 8.67 -16.54 6.73
C GLN B 524 8.53 -16.52 5.21
N PHE B 525 8.17 -15.37 4.64
CA PHE B 525 8.03 -15.27 3.19
C PHE B 525 9.37 -15.55 2.50
N GLN B 526 10.45 -14.95 3.00
CA GLN B 526 11.75 -15.15 2.39
C GLN B 526 12.19 -16.61 2.46
N GLU B 527 11.97 -17.26 3.61
CA GLU B 527 12.34 -18.66 3.74
C GLU B 527 11.54 -19.53 2.78
N ALA B 528 10.24 -19.28 2.67
CA ALA B 528 9.40 -20.07 1.77
C ALA B 528 9.83 -19.89 0.32
N LEU B 529 10.09 -18.64 -0.09
CA LEU B 529 10.50 -18.39 -1.46
C LEU B 529 11.86 -19.04 -1.76
N CYS B 530 12.80 -18.91 -0.84
CA CYS B 530 14.12 -19.51 -1.06
C CYS B 530 14.03 -21.02 -1.11
N GLN B 531 13.14 -21.62 -0.31
CA GLN B 531 12.91 -23.05 -0.42
C GLN B 531 12.35 -23.41 -1.79
N ALA B 532 11.35 -22.66 -2.24
CA ALA B 532 10.83 -22.84 -3.60
C ALA B 532 11.53 -21.93 -4.60
N ALA B 533 12.87 -21.90 -4.51
CA ALA B 533 13.69 -21.25 -5.52
C ALA B 533 14.93 -22.07 -5.86
N LYS B 534 15.07 -23.28 -5.30
CA LYS B 534 16.19 -24.17 -5.59
C LYS B 534 17.54 -23.52 -5.25
N HIS B 535 17.71 -23.23 -3.97
CA HIS B 535 18.94 -22.65 -3.44
C HIS B 535 19.53 -23.58 -2.39
N GLU B 536 20.86 -23.64 -2.34
CA GLU B 536 21.57 -24.49 -1.39
C GLU B 536 22.56 -23.64 -0.60
N GLY B 537 22.57 -23.81 0.71
CA GLY B 537 23.46 -23.08 1.57
C GLY B 537 22.73 -22.33 2.67
N PRO B 538 23.45 -21.45 3.37
CA PRO B 538 22.79 -20.64 4.40
C PRO B 538 21.76 -19.70 3.78
N LEU B 539 20.74 -19.39 4.58
CA LEU B 539 19.61 -18.61 4.07
C LEU B 539 20.01 -17.18 3.72
N HIS B 540 20.97 -16.60 4.45
CA HIS B 540 21.27 -15.18 4.29
C HIS B 540 21.97 -14.88 2.96
N LYS B 541 22.51 -15.89 2.29
CA LYS B 541 23.13 -15.70 0.98
C LYS B 541 22.19 -16.02 -0.18
N CYS B 542 20.94 -16.33 0.12
CA CYS B 542 20.00 -16.79 -0.89
C CYS B 542 19.53 -15.64 -1.78
N ASP B 543 19.02 -15.98 -2.95
CA ASP B 543 18.52 -14.99 -3.90
C ASP B 543 17.34 -15.58 -4.65
N ILE B 544 16.46 -14.71 -5.13
CA ILE B 544 15.24 -15.15 -5.82
C ILE B 544 15.21 -14.60 -7.23
N SER B 545 16.38 -14.38 -7.83
CA SER B 545 16.46 -13.89 -9.19
C SER B 545 16.43 -15.04 -10.18
N ASN B 546 15.87 -14.78 -11.36
CA ASN B 546 15.81 -15.73 -12.46
C ASN B 546 14.99 -16.97 -12.10
N SER B 547 14.01 -16.82 -11.22
CA SER B 547 13.15 -17.92 -10.78
C SER B 547 11.69 -17.53 -11.02
N THR B 548 11.10 -18.06 -12.08
CA THR B 548 9.73 -17.70 -12.43
C THR B 548 8.70 -18.37 -11.53
N GLU B 549 8.99 -19.58 -11.05
CA GLU B 549 8.02 -20.26 -10.19
C GLU B 549 7.85 -19.53 -8.86
N ALA B 550 8.94 -18.97 -8.32
CA ALA B 550 8.82 -18.16 -7.11
C ALA B 550 7.96 -16.92 -7.37
N GLY B 551 8.14 -16.29 -8.53
CA GLY B 551 7.30 -15.15 -8.88
C GLY B 551 5.84 -15.51 -8.98
N GLN B 552 5.54 -16.66 -9.61
CA GLN B 552 4.16 -17.12 -9.69
C GLN B 552 3.58 -17.40 -8.31
N LYS B 553 4.38 -18.04 -7.44
CA LYS B 553 3.92 -18.33 -6.09
C LYS B 553 3.61 -17.05 -5.33
N LEU B 554 4.47 -16.04 -5.45
CA LEU B 554 4.21 -14.77 -4.79
C LEU B 554 2.99 -14.07 -5.37
N PHE B 555 2.83 -14.11 -6.70
CA PHE B 555 1.71 -13.43 -7.34
C PHE B 555 0.38 -14.05 -6.95
N ASN B 556 0.35 -15.38 -6.77
CA ASN B 556 -0.88 -16.05 -6.37
C ASN B 556 -1.44 -15.51 -5.07
N MET B 557 -0.59 -14.98 -4.19
CA MET B 557 -1.03 -14.33 -2.96
C MET B 557 -1.18 -12.83 -3.11
N LEU B 558 -0.32 -12.19 -3.92
CA LEU B 558 -0.42 -10.74 -4.09
C LEU B 558 -1.74 -10.35 -4.74
N ARG B 559 -2.22 -11.13 -5.71
CA ARG B 559 -3.43 -10.77 -6.42
C ARG B 559 -4.69 -10.86 -5.56
N LEU B 560 -4.61 -11.48 -4.38
CA LEU B 560 -5.80 -11.66 -3.57
C LEU B 560 -6.32 -10.35 -3.01
N GLY B 561 -5.41 -9.48 -2.56
CA GLY B 561 -5.86 -8.28 -1.87
C GLY B 561 -6.47 -8.63 -0.51
N LYS B 562 -7.42 -7.81 -0.09
CA LYS B 562 -8.13 -8.04 1.16
C LYS B 562 -9.37 -8.91 0.98
N SER B 563 -9.46 -9.64 -0.13
CA SER B 563 -10.65 -10.43 -0.40
C SER B 563 -10.75 -11.68 0.46
N GLU B 564 -9.64 -12.14 1.03
CA GLU B 564 -9.62 -13.38 1.78
C GLU B 564 -8.97 -13.16 3.14
N PRO B 565 -9.30 -14.00 4.12
CA PRO B 565 -8.67 -13.86 5.45
C PRO B 565 -7.17 -14.03 5.36
N TRP B 566 -6.46 -13.29 6.21
CA TRP B 566 -5.00 -13.34 6.17
C TRP B 566 -4.46 -14.71 6.57
N THR B 567 -5.22 -15.49 7.33
CA THR B 567 -4.82 -16.86 7.61
C THR B 567 -4.77 -17.69 6.32
N LEU B 568 -5.74 -17.49 5.44
CA LEU B 568 -5.70 -18.16 4.13
C LEU B 568 -4.60 -17.59 3.25
N ALA B 569 -4.32 -16.29 3.39
CA ALA B 569 -3.20 -15.70 2.65
C ALA B 569 -1.88 -16.32 3.07
N LEU B 570 -1.73 -16.62 4.36
CA LEU B 570 -0.57 -17.37 4.83
C LEU B 570 -0.79 -18.86 4.63
N GLU B 571 -1.20 -19.25 3.44
CA GLU B 571 -1.31 -20.66 3.07
C GLU B 571 -0.82 -20.95 1.66
N ASN B 572 -0.68 -19.95 0.80
CA ASN B 572 -0.15 -20.14 -0.54
C ASN B 572 1.33 -19.84 -0.64
N VAL B 573 1.85 -18.95 0.20
CA VAL B 573 3.28 -18.69 0.24
C VAL B 573 3.99 -19.70 1.12
N VAL B 574 3.48 -19.90 2.34
CA VAL B 574 4.04 -20.85 3.27
C VAL B 574 3.03 -21.97 3.49
N GLY B 575 3.45 -23.00 4.21
CA GLY B 575 2.63 -24.17 4.48
C GLY B 575 1.94 -24.19 5.83
N ALA B 576 1.94 -23.09 6.56
CA ALA B 576 1.32 -23.04 7.89
C ALA B 576 0.66 -21.68 8.08
N LYS B 577 -0.59 -21.69 8.56
CA LYS B 577 -1.32 -20.45 8.74
C LYS B 577 -0.85 -19.66 9.96
N ASN B 578 -0.35 -20.35 10.99
CA ASN B 578 0.11 -19.67 12.19
C ASN B 578 1.39 -18.90 11.91
N MET B 579 1.65 -17.90 12.76
CA MET B 579 2.85 -17.06 12.66
C MET B 579 3.87 -17.58 13.68
N ASN B 580 4.94 -18.19 13.17
CA ASN B 580 5.98 -18.78 13.99
C ASN B 580 7.29 -18.01 13.80
N VAL B 581 8.32 -18.48 14.51
CA VAL B 581 9.59 -17.76 14.60
C VAL B 581 10.77 -18.61 14.14
N ARG B 582 10.54 -19.84 13.68
CA ARG B 582 11.66 -20.69 13.28
C ARG B 582 12.52 -20.12 12.16
N PRO B 583 11.97 -19.54 11.09
CA PRO B 583 12.85 -18.92 10.07
C PRO B 583 13.73 -17.82 10.62
N LEU B 584 13.24 -17.05 11.60
CA LEU B 584 14.06 -16.01 12.20
C LEU B 584 15.30 -16.59 12.84
N LEU B 585 15.14 -17.66 13.62
CA LEU B 585 16.29 -18.30 14.24
C LEU B 585 17.18 -18.98 13.20
N ASN B 586 16.58 -19.51 12.14
CA ASN B 586 17.38 -20.15 11.10
C ASN B 586 18.23 -19.14 10.33
N TYR B 587 17.76 -17.91 10.21
CA TYR B 587 18.52 -16.89 9.50
C TYR B 587 19.80 -16.54 10.25
N PHE B 588 19.70 -16.25 11.54
CA PHE B 588 20.86 -15.87 12.34
C PHE B 588 21.48 -17.09 13.03
N GLU B 589 21.74 -18.14 12.27
CA GLU B 589 22.36 -19.33 12.86
C GLU B 589 23.87 -19.18 12.99
N PRO B 590 24.61 -18.78 11.94
CA PRO B 590 26.06 -18.60 12.10
C PRO B 590 26.41 -17.57 13.17
N LEU B 591 25.66 -16.47 13.24
CA LEU B 591 25.93 -15.47 14.26
C LEU B 591 25.70 -16.04 15.65
N PHE B 592 24.62 -16.80 15.83
CA PHE B 592 24.34 -17.40 17.12
C PHE B 592 25.42 -18.41 17.51
N THR B 593 25.87 -19.23 16.57
CA THR B 593 26.88 -20.22 16.90
C THR B 593 28.26 -19.59 17.11
N TRP B 594 28.50 -18.40 16.55
CA TRP B 594 29.71 -17.68 16.89
C TRP B 594 29.61 -17.06 18.28
N LEU B 595 28.44 -16.51 18.61
CA LEU B 595 28.26 -15.92 19.93
C LEU B 595 28.28 -16.97 21.04
N LYS B 596 27.93 -18.22 20.72
CA LYS B 596 27.96 -19.27 21.74
C LYS B 596 29.36 -19.44 22.31
N ASP B 597 30.37 -19.45 21.44
CA ASP B 597 31.75 -19.56 21.90
C ASP B 597 32.42 -18.22 22.09
N GLN B 598 31.77 -17.11 21.72
CA GLN B 598 32.38 -15.80 21.89
C GLN B 598 32.48 -15.42 23.35
N ASN B 599 31.34 -15.31 24.04
CA ASN B 599 31.32 -14.90 25.44
C ASN B 599 31.35 -16.14 26.34
N LYS B 600 32.49 -16.83 26.30
CA LYS B 600 32.69 -18.02 27.11
C LYS B 600 33.07 -17.70 28.55
N ASN B 601 33.46 -16.46 28.84
CA ASN B 601 33.86 -16.06 30.19
C ASN B 601 32.81 -15.25 30.94
N SER B 602 32.04 -14.43 30.23
CA SER B 602 30.95 -13.69 30.87
C SER B 602 29.73 -14.58 31.04
N PHE B 603 28.76 -14.08 31.80
CA PHE B 603 27.52 -14.80 32.03
C PHE B 603 26.37 -14.04 31.40
N VAL B 604 25.48 -14.77 30.73
CA VAL B 604 24.33 -14.17 30.07
C VAL B 604 23.24 -13.90 31.11
N GLY B 605 22.43 -12.90 30.84
CA GLY B 605 21.39 -12.50 31.77
C GLY B 605 21.84 -11.31 32.60
N TRP B 606 20.85 -10.56 33.10
CA TRP B 606 21.12 -9.35 33.87
C TRP B 606 20.48 -9.44 35.25
N SER B 607 20.90 -8.53 36.12
CA SER B 607 20.34 -8.38 37.45
C SER B 607 19.47 -7.15 37.48
N THR B 608 18.24 -7.31 37.98
CA THR B 608 17.26 -6.23 37.93
C THR B 608 17.39 -5.23 39.08
N ASP B 609 18.26 -5.51 40.06
CA ASP B 609 18.34 -4.66 41.25
C ASP B 609 19.41 -3.58 41.16
N TRP B 610 20.48 -3.81 40.42
CA TRP B 610 21.55 -2.82 40.34
C TRP B 610 21.09 -1.58 39.59
N SER B 611 21.43 -0.42 40.12
CA SER B 611 21.08 0.86 39.52
C SER B 611 22.27 1.79 39.56
N PRO B 612 22.40 2.70 38.58
CA PRO B 612 23.52 3.66 38.60
C PRO B 612 23.52 4.56 39.83
N TYR B 613 22.34 4.92 40.35
CA TYR B 613 22.27 5.87 41.45
C TYR B 613 22.28 5.22 42.82
N ALA B 614 21.86 3.96 42.92
CA ALA B 614 21.83 3.28 44.21
C ALA B 614 21.99 1.77 44.03
C1 NAG C . -9.43 9.98 -41.59
C2 NAG C . -9.39 9.02 -42.78
C3 NAG C . -7.98 8.42 -42.91
C4 NAG C . -6.92 9.52 -42.95
C5 NAG C . -7.10 10.47 -41.77
C6 NAG C . -6.18 11.66 -41.81
C7 NAG C . -10.90 7.30 -43.65
C8 NAG C . -11.91 6.25 -43.32
N2 NAG C . -10.37 7.97 -42.63
O3 NAG C . -7.92 7.65 -44.11
O4 NAG C . -5.64 8.92 -42.89
O5 NAG C . -8.44 10.99 -41.75
O6 NAG C . -6.18 12.28 -43.09
O7 NAG C . -10.59 7.56 -44.81
C1 NAG C . -4.78 9.38 -43.96
C2 NAG C . -3.43 8.68 -43.81
C3 NAG C . -2.48 9.14 -44.91
C4 NAG C . -3.11 8.97 -46.29
C5 NAG C . -4.51 9.61 -46.32
C6 NAG C . -5.25 9.34 -47.61
C7 NAG C . -2.51 10.09 -42.00
C8 NAG C . -1.92 10.08 -40.62
N2 NAG C . -2.85 8.89 -42.49
O3 NAG C . -1.28 8.38 -44.82
O4 NAG C . -2.32 9.62 -47.27
O5 NAG C . -5.32 9.11 -45.25
O6 NAG C . -6.54 8.80 -47.36
O7 NAG C . -2.67 11.13 -42.62
C1 BMA C . -1.36 8.73 -47.87
C2 BMA C . -2.02 8.00 -49.06
C3 BMA C . -0.97 7.19 -49.83
C4 BMA C . 0.26 8.05 -50.16
C5 BMA C . 0.82 8.67 -48.88
C6 BMA C . 2.01 9.56 -49.13
O2 BMA C . -2.57 8.94 -49.98
O3 BMA C . -1.52 6.64 -51.02
O4 BMA C . 1.25 7.24 -50.78
O5 BMA C . -0.21 9.46 -48.28
O6 BMA C . 2.40 10.15 -47.89
C1 NAG D . -20.84 -13.40 -3.95
C2 NAG D . -20.51 -14.85 -4.33
C3 NAG D . -19.41 -14.87 -5.39
C4 NAG D . -19.79 -13.99 -6.57
C5 NAG D . -20.16 -12.58 -6.09
C6 NAG D . -20.67 -11.69 -7.19
C7 NAG D . -20.81 -16.66 -2.72
C8 NAG D . -22.05 -17.02 -3.49
N2 NAG D . -20.11 -15.62 -3.17
O3 NAG D . -19.21 -16.21 -5.82
O4 NAG D . -18.70 -13.88 -7.48
O5 NAG D . -21.20 -12.67 -5.11
O6 NAG D . -22.01 -12.01 -7.54
O7 NAG D . -20.45 -17.31 -1.73
C1 NAG D . -18.87 -14.79 -8.58
C2 NAG D . -18.34 -14.16 -9.87
C3 NAG D . -18.41 -15.15 -11.03
C4 NAG D . -17.71 -16.45 -10.67
C5 NAG D . -18.29 -17.00 -9.35
C6 NAG D . -17.57 -18.23 -8.87
C7 NAG D . -20.36 -12.86 -10.47
C8 NAG D . -20.89 -11.50 -10.79
N2 NAG D . -19.05 -12.93 -10.19
O3 NAG D . -17.81 -14.58 -12.19
O4 NAG D . -17.90 -17.40 -11.70
O5 NAG D . -18.16 -16.01 -8.32
O6 NAG D . -17.12 -19.04 -9.96
O7 NAG D . -21.09 -13.86 -10.46
C1 NAG E . -23.95 3.08 14.96
C2 NAG E . -24.29 1.73 15.62
C3 NAG E . -25.75 1.34 15.35
C4 NAG E . -26.69 2.49 15.70
C5 NAG E . -26.24 3.78 15.03
C6 NAG E . -27.06 4.99 15.45
C7 NAG E . -23.09 0.11 14.10
C8 NAG E . -23.81 0.63 12.89
N2 NAG E . -23.36 0.65 15.31
O3 NAG E . -26.08 0.19 16.11
O4 NAG E . -28.01 2.18 15.25
O5 NAG E . -24.87 4.08 15.39
O6 NAG E . -27.39 4.93 16.83
O7 NAG E . -22.26 -0.81 14.01
C1 NAG E . -28.89 2.00 16.37
C2 NAG E . -30.32 1.90 15.84
C3 NAG E . -31.30 1.66 16.98
C4 NAG E . -30.88 0.45 17.80
C5 NAG E . -29.42 0.58 18.24
C6 NAG E . -28.90 -0.64 18.95
C7 NAG E . -30.56 3.19 13.76
C8 NAG E . -30.97 4.51 13.17
N2 NAG E . -30.67 3.10 15.10
O3 NAG E . -32.60 1.46 16.44
O4 NAG E . -31.71 0.32 18.95
O5 NAG E . -28.58 0.80 17.11
O6 NAG E . -27.66 -1.07 18.41
O7 NAG E . -30.14 2.27 13.08
C1 NAG F . 8.02 -4.17 -20.42
C2 NAG F . 7.99 -3.30 -21.69
C3 NAG F . 7.75 -4.17 -22.93
C4 NAG F . 8.77 -5.29 -22.98
C5 NAG F . 8.72 -6.10 -21.69
C6 NAG F . 9.75 -7.20 -21.64
C7 NAG F . 7.23 -1.02 -21.17
C8 NAG F . 6.06 -0.09 -21.13
N2 NAG F . 6.97 -2.27 -21.59
O3 NAG F . 7.84 -3.36 -24.09
O4 NAG F . 8.55 -6.13 -24.11
O5 NAG F . 8.97 -5.23 -20.58
O6 NAG F . 11.07 -6.68 -21.82
O7 NAG F . 8.35 -0.68 -20.83
C1 NAG F . 9.64 -5.97 -25.04
C2 NAG F . 9.08 -5.54 -26.39
C3 NAG F . 10.21 -5.31 -27.39
C4 NAG F . 11.23 -4.33 -26.82
C5 NAG F . 11.71 -4.81 -25.46
C6 NAG F . 12.63 -3.83 -24.78
C7 NAG F . 6.82 -6.47 -26.69
C8 NAG F . 6.00 -7.56 -27.29
N2 NAG F . 8.14 -6.52 -26.91
O3 NAG F . 9.67 -4.81 -28.61
O4 NAG F . 12.34 -4.23 -27.70
O5 NAG F . 10.59 -4.99 -24.57
O6 NAG F . 12.03 -3.27 -23.62
O7 NAG F . 6.31 -5.56 -26.02
C1 NAG G . 20.66 -14.32 -16.48
C2 NAG G . 20.96 -13.74 -17.86
C3 NAG G . 22.45 -13.86 -18.17
C4 NAG G . 23.27 -13.23 -17.05
C5 NAG G . 22.87 -13.82 -15.70
C6 NAG G . 23.56 -13.16 -14.54
C7 NAG G . 19.01 -13.91 -19.34
C8 NAG G . 18.33 -14.71 -20.41
N2 NAG G . 20.17 -14.40 -18.89
O3 NAG G . 22.72 -13.22 -19.41
O4 NAG G . 24.66 -13.44 -17.28
O5 NAG G . 21.46 -13.67 -15.50
O6 NAG G . 22.92 -11.94 -14.18
O7 NAG G . 18.54 -12.87 -18.92
C1 NAG G . 25.23 -12.21 -17.77
C2 NAG G . 26.75 -12.28 -17.65
C3 NAG G . 27.39 -11.01 -18.23
C4 NAG G . 26.88 -10.76 -19.65
C5 NAG G . 25.35 -10.76 -19.67
C6 NAG G . 24.78 -10.63 -21.05
C7 NAG G . 27.33 -13.69 -15.72
C8 NAG G . 27.76 -13.70 -14.29
N2 NAG G . 27.18 -12.48 -16.27
O3 NAG G . 28.81 -11.15 -18.24
O4 NAG G . 27.37 -9.51 -20.12
O5 NAG G . 24.85 -11.99 -19.13
O6 NAG G . 23.48 -11.19 -21.13
O7 NAG G . 27.13 -14.72 -16.36
C1 NAG H . -12.59 7.42 -65.15
C2 NAG H . -12.82 8.53 -66.18
C3 NAG H . -11.58 9.41 -66.30
C4 NAG H . -11.15 9.92 -64.93
C5 NAG H . -10.97 8.76 -63.96
C6 NAG H . -10.66 9.19 -62.56
C7 NAG H . -14.43 7.59 -67.78
C8 NAG H . -14.61 7.03 -69.16
N2 NAG H . -13.18 7.98 -67.47
O3 NAG H . -11.86 10.51 -67.17
O4 NAG H . -9.92 10.63 -65.04
O5 NAG H . -12.20 8.01 -63.90
O6 NAG H . -9.58 10.11 -62.53
O7 NAG H . -15.35 7.67 -66.99
C1 NAG I . 3.83 25.50 -8.47
C2 NAG I . 3.81 25.59 -10.00
C3 NAG I . 3.92 27.05 -10.43
C4 NAG I . 2.83 27.89 -9.77
C5 NAG I . 2.88 27.70 -8.26
C6 NAG I . 1.75 28.40 -7.54
C7 NAG I . 4.66 23.62 -11.18
C8 NAG I . 5.88 22.94 -11.73
N2 NAG I . 4.87 24.80 -10.58
O3 NAG I . 3.79 27.12 -11.85
O4 NAG I . 3.03 29.26 -10.07
O5 NAG I . 2.77 26.31 -7.93
O6 NAG I . 0.64 28.62 -8.42
O7 NAG I . 3.54 23.13 -11.27
C1 NAG J . 37.59 -19.12 8.41
C2 NAG J . 39.08 -18.83 8.47
C3 NAG J . 39.89 -20.12 8.42
C4 NAG J . 39.41 -21.08 9.51
C5 NAG J . 37.89 -21.26 9.44
C6 NAG J . 37.35 -22.07 10.59
C7 NAG J . 39.69 -16.61 7.60
C8 NAG J . 40.11 -15.83 6.39
N2 NAG J . 39.50 -17.93 7.41
O3 NAG J . 41.27 -19.84 8.60
O4 NAG J . 40.05 -22.34 9.35
O5 NAG J . 37.23 -19.99 9.46
O6 NAG J . 37.61 -21.43 11.84
O7 NAG J . 39.52 -16.09 8.69
#